data_8Z62
#
_entry.id   8Z62
#
_cell.length_a   91.890
_cell.length_b   96.610
_cell.length_c   122.400
_cell.angle_alpha   90.00
_cell.angle_beta   90.00
_cell.angle_gamma   90.00
#
_symmetry.space_group_name_H-M   'P 21 21 21'
#
loop_
_entity.id
_entity.type
_entity.pdbx_description
1 polymer '23S rRNA (uracil(747)-C(5))-methyltransferase'
2 non-polymer 'SODIUM ION'
3 non-polymer 'SULFATE ION'
4 non-polymer 1,2-ETHANEDIOL
5 non-polymer DI(HYDROXYETHYL)ETHER
6 water water
#
_entity_poly.entity_id   1
_entity_poly.type   'polypeptide(L)'
_entity_poly.pdbx_seq_one_letter_code
;MEMRGKITKINENGLGVLGNILVPFAYPGDEVEVTETRERFGKIIARDFKLMTPSPLRIPGKCSHFGKCGGCLWQGLRYR
EQLKLKEEIFKRITGIEAEIKGSPRIWYFRNISNFIITVNGIGFKEFGMPKTVVNIRECPIFSERTPKYLKALKDFLRES
NLKPWNWREGDVHYLQVREGKFTGEVMVNIIAHVPLNYREALMEAFNFADSIYWSLKADKKDDPRGFPTLVLGNEVIREK
VEGITYLIHPSVFFQTNSYALPLLLKSVEKFCEGSKVLDLYSGIGTLSLYLAKRGFEVTGVEVNGTSVEMAKRSAEINSI
NATFIQGKAEDAELEGYETLIVDPPRKGLKEFSRRIVKKGPNTLIYVSCNPLRFILDYRNYLSEAYKVDDALLIDMFPHT
PHIEAVIKLVRR
;
_entity_poly.pdbx_strand_id   A,B
#
loop_
_chem_comp.id
_chem_comp.type
_chem_comp.name
_chem_comp.formula
EDO non-polymer 1,2-ETHANEDIOL 'C2 H6 O2'
NA non-polymer 'SODIUM ION' 'Na 1'
PEG non-polymer DI(HYDROXYETHYL)ETHER 'C4 H10 O3'
SO4 non-polymer 'SULFATE ION' 'O4 S -2'
#
# COMPACT_ATOMS: atom_id res chain seq x y z
N MET A 3 18.26 10.11 -5.02
CA MET A 3 17.63 11.17 -5.86
C MET A 3 17.39 12.43 -5.01
N ARG A 4 17.92 13.56 -5.46
CA ARG A 4 17.80 14.83 -4.79
C ARG A 4 17.18 15.81 -5.78
N GLY A 5 16.39 16.79 -5.31
CA GLY A 5 15.76 17.75 -6.22
C GLY A 5 14.78 18.68 -5.52
N LYS A 6 14.09 19.53 -6.30
CA LYS A 6 13.10 20.44 -5.77
C LYS A 6 11.71 19.92 -6.13
N ILE A 7 10.81 19.88 -5.14
CA ILE A 7 9.45 19.43 -5.33
C ILE A 7 8.71 20.46 -6.15
N THR A 8 8.05 19.99 -7.20
CA THR A 8 7.55 20.87 -8.25
C THR A 8 6.05 21.09 -8.07
N LYS A 9 5.31 20.01 -7.81
CA LYS A 9 3.90 20.14 -7.49
C LYS A 9 3.50 19.10 -6.43
N ILE A 10 2.24 19.12 -6.00
CA ILE A 10 1.67 17.98 -5.31
C ILE A 10 0.74 17.27 -6.29
N ASN A 11 0.58 15.95 -6.10
CA ASN A 11 -0.32 15.15 -6.90
C ASN A 11 -1.72 15.24 -6.30
N GLU A 12 -2.66 14.48 -6.88
CA GLU A 12 -4.08 14.55 -6.55
C GLU A 12 -4.28 14.18 -5.08
N ASN A 13 -3.52 13.20 -4.59
CA ASN A 13 -3.62 12.71 -3.22
C ASN A 13 -2.78 13.52 -2.23
N GLY A 14 -2.09 14.57 -2.69
CA GLY A 14 -1.46 15.53 -1.78
C GLY A 14 -0.02 15.18 -1.45
N LEU A 15 0.52 14.22 -2.19
CA LEU A 15 1.92 13.83 -2.09
C LEU A 15 2.76 14.73 -2.98
N GLY A 16 3.93 15.17 -2.52
CA GLY A 16 4.82 15.99 -3.31
C GLY A 16 5.50 15.19 -4.42
N VAL A 17 5.62 15.79 -5.61
CA VAL A 17 6.17 15.11 -6.77
C VAL A 17 7.63 15.49 -6.98
N LEU A 18 8.46 14.46 -7.14
CA LEU A 18 9.86 14.63 -7.47
C LEU A 18 10.20 13.71 -8.63
N GLY A 19 10.09 14.25 -9.84
CA GLY A 19 10.15 13.44 -11.03
C GLY A 19 9.13 12.33 -10.89
N ASN A 20 9.59 11.08 -11.06
CA ASN A 20 8.70 9.93 -11.00
C ASN A 20 8.76 9.31 -9.61
N ILE A 21 8.98 10.13 -8.58
CA ILE A 21 8.91 9.72 -7.19
C ILE A 21 7.78 10.52 -6.58
N LEU A 22 7.06 9.94 -5.62
CA LEU A 22 6.09 10.66 -4.81
C LEU A 22 6.62 10.70 -3.38
N VAL A 23 6.68 11.89 -2.80
CA VAL A 23 7.30 12.09 -1.50
C VAL A 23 6.23 12.59 -0.54
N PRO A 24 5.72 11.72 0.36
CA PRO A 24 4.80 12.15 1.42
C PRO A 24 5.45 13.22 2.30
N PHE A 25 4.64 14.22 2.68
CA PHE A 25 4.97 15.27 3.63
C PHE A 25 5.90 16.34 3.07
N ALA A 26 6.41 16.09 1.86
CA ALA A 26 7.06 17.13 1.07
C ALA A 26 6.01 17.96 0.37
N TYR A 27 6.31 19.26 0.21
CA TYR A 27 5.38 20.19 -0.41
C TYR A 27 6.09 20.96 -1.53
N PRO A 28 5.36 21.63 -2.45
CA PRO A 28 5.95 22.45 -3.50
C PRO A 28 6.93 23.44 -2.90
N GLY A 29 8.13 23.47 -3.47
CA GLY A 29 9.17 24.41 -3.07
C GLY A 29 10.23 23.74 -2.22
N ASP A 30 9.93 22.55 -1.70
CA ASP A 30 10.89 21.88 -0.85
C ASP A 30 12.05 21.42 -1.70
N GLU A 31 13.24 21.57 -1.14
CA GLU A 31 14.43 20.93 -1.69
C GLU A 31 14.68 19.73 -0.79
N VAL A 32 14.65 18.53 -1.38
CA VAL A 32 14.60 17.28 -0.64
C VAL A 32 15.72 16.36 -1.13
N GLU A 33 15.97 15.35 -0.29
CA GLU A 33 16.92 14.28 -0.54
C GLU A 33 16.24 13.00 -0.07
N VAL A 34 16.03 12.04 -0.97
CA VAL A 34 15.32 10.81 -0.67
C VAL A 34 16.33 9.68 -0.58
N THR A 35 16.18 8.82 0.44
CA THR A 35 17.15 7.77 0.74
C THR A 35 16.60 6.40 0.35
N GLU A 36 15.40 6.09 0.85
CA GLU A 36 14.73 4.85 0.52
C GLU A 36 13.40 5.19 -0.14
N THR A 37 13.07 4.41 -1.16
CA THR A 37 11.75 4.40 -1.77
C THR A 37 11.16 2.99 -1.67
N ARG A 38 9.86 2.88 -1.98
CA ARG A 38 9.19 1.61 -1.97
C ARG A 38 8.17 1.59 -3.11
N GLU A 39 8.18 0.51 -3.91
CA GLU A 39 7.18 0.30 -4.96
C GLU A 39 5.81 0.17 -4.27
N ARG A 40 4.79 0.83 -4.80
CA ARG A 40 3.43 0.77 -4.27
C ARG A 40 2.44 0.79 -5.41
N PHE A 41 2.09 -0.39 -5.94
CA PHE A 41 1.15 -0.54 -7.05
C PHE A 41 1.57 0.34 -8.22
N GLY A 42 2.82 0.19 -8.64
CA GLY A 42 3.30 0.86 -9.84
C GLY A 42 3.60 2.35 -9.64
N LYS A 43 3.67 2.81 -8.39
CA LYS A 43 4.20 4.13 -8.11
C LYS A 43 5.40 3.95 -7.20
N ILE A 44 6.46 4.74 -7.38
CA ILE A 44 7.58 4.77 -6.45
C ILE A 44 7.30 5.84 -5.40
N ILE A 45 7.24 5.44 -4.14
CA ILE A 45 6.94 6.32 -3.03
C ILE A 45 8.16 6.39 -2.10
N ALA A 46 8.51 7.61 -1.68
CA ALA A 46 9.60 7.84 -0.76
C ALA A 46 9.24 7.30 0.61
N ARG A 47 10.12 6.47 1.16
CA ARG A 47 9.93 5.92 2.49
C ARG A 47 10.32 6.96 3.53
N ASP A 48 11.34 7.77 3.28
CA ASP A 48 11.68 8.91 4.11
C ASP A 48 12.46 9.89 3.24
N PHE A 49 12.56 11.15 3.69
CA PHE A 49 13.38 12.14 3.02
C PHE A 49 14.04 13.04 4.05
N LYS A 50 15.15 13.69 3.65
CA LYS A 50 15.72 14.78 4.42
C LYS A 50 15.36 16.09 3.72
N LEU A 51 14.80 17.02 4.50
CA LEU A 51 14.46 18.34 4.02
C LEU A 51 15.71 19.22 3.96
N MET A 52 16.20 19.51 2.76
CA MET A 52 17.37 20.36 2.60
C MET A 52 17.01 21.84 2.74
N THR A 53 15.98 22.31 2.00
CA THR A 53 15.54 23.69 2.05
C THR A 53 14.01 23.74 2.17
N PRO A 54 13.46 24.53 3.12
CA PRO A 54 12.03 24.57 3.32
C PRO A 54 11.34 25.39 2.25
N SER A 55 10.20 24.92 1.74
CA SER A 55 9.44 25.76 0.84
C SER A 55 8.96 26.97 1.62
N PRO A 56 8.79 28.13 0.95
CA PRO A 56 8.18 29.30 1.60
C PRO A 56 6.76 29.06 2.12
N LEU A 57 6.17 27.92 1.77
CA LEU A 57 4.81 27.62 2.16
C LEU A 57 4.72 27.06 3.58
N ARG A 58 5.85 26.54 4.10
CA ARG A 58 5.84 25.84 5.38
C ARG A 58 5.67 26.85 6.51
N ILE A 59 5.03 26.38 7.59
CA ILE A 59 5.00 27.11 8.84
C ILE A 59 6.45 27.32 9.28
N PRO A 60 6.89 28.55 9.57
CA PRO A 60 8.26 28.73 10.05
C PRO A 60 8.35 28.05 11.41
N GLY A 61 9.57 27.58 11.73
CA GLY A 61 9.81 26.86 12.96
C GLY A 61 10.27 25.43 12.72
N LYS A 62 9.79 24.47 13.51
CA LYS A 62 10.23 23.10 13.40
C LYS A 62 9.76 22.54 12.08
N CYS A 63 8.67 23.11 11.61
CA CYS A 63 8.00 22.64 10.37
C CYS A 63 8.80 23.09 9.14
N SER A 64 9.83 23.91 9.33
CA SER A 64 10.68 24.33 8.23
C SER A 64 12.08 23.72 8.35
N HIS A 65 12.26 22.80 9.31
CA HIS A 65 13.52 22.13 9.55
C HIS A 65 13.37 20.63 9.30
N PHE A 66 12.21 20.10 9.67
CA PHE A 66 11.88 18.71 9.43
C PHE A 66 10.78 18.68 8.39
N GLY A 67 10.86 17.73 7.45
CA GLY A 67 9.85 17.57 6.41
C GLY A 67 8.51 17.10 6.98
N LYS A 68 8.61 16.12 7.89
CA LYS A 68 7.48 15.60 8.61
C LYS A 68 7.46 16.25 9.99
N CYS A 69 6.76 17.40 10.18
CA CYS A 69 6.61 18.04 11.52
C CYS A 69 5.97 16.98 12.41
N GLY A 70 4.86 16.37 11.99
CA GLY A 70 4.27 15.25 12.68
C GLY A 70 2.79 15.20 12.41
N GLY A 71 2.14 14.07 12.73
CA GLY A 71 0.70 13.97 12.71
C GLY A 71 -0.14 13.88 11.46
N CYS A 72 -0.15 14.98 10.72
CA CYS A 72 -1.01 15.09 9.52
C CYS A 72 -0.12 15.36 8.30
N LEU A 73 -0.48 14.83 7.15
CA LEU A 73 0.27 14.88 5.91
C LEU A 73 0.60 16.33 5.57
N TRP A 74 -0.34 17.23 5.75
CA TRP A 74 -0.14 18.61 5.36
C TRP A 74 0.09 19.54 6.56
N GLN A 75 0.55 18.99 7.69
CA GLN A 75 0.56 19.77 8.91
C GLN A 75 1.53 20.94 8.79
N GLY A 76 2.60 20.74 8.00
CA GLY A 76 3.72 21.67 7.86
C GLY A 76 3.44 22.85 6.94
N LEU A 77 2.32 22.79 6.21
CA LEU A 77 1.84 23.90 5.38
C LEU A 77 1.07 24.90 6.24
N ARG A 78 1.35 26.19 6.05
CA ARG A 78 0.50 27.22 6.60
C ARG A 78 -0.90 27.07 6.04
N TYR A 79 -1.91 27.45 6.85
CA TYR A 79 -3.28 27.08 6.55
C TYR A 79 -3.74 27.70 5.23
N ARG A 80 -3.56 29.02 5.10
CA ARG A 80 -3.91 29.71 3.87
C ARG A 80 -3.29 28.96 2.70
N GLU A 81 -2.08 28.41 2.88
CA GLU A 81 -1.37 27.80 1.76
C GLU A 81 -1.96 26.44 1.41
N GLN A 82 -2.51 25.74 2.41
CA GLN A 82 -3.24 24.50 2.18
C GLN A 82 -4.48 24.75 1.35
N LEU A 83 -5.14 25.89 1.62
CA LEU A 83 -6.40 26.21 0.98
C LEU A 83 -6.15 26.45 -0.50
N LYS A 84 -5.05 27.14 -0.82
CA LYS A 84 -4.75 27.43 -2.21
C LYS A 84 -4.36 26.15 -2.94
N LEU A 85 -3.71 25.24 -2.23
CA LEU A 85 -3.32 23.98 -2.83
C LEU A 85 -4.54 23.11 -3.10
N LYS A 86 -5.60 23.31 -2.31
CA LYS A 86 -6.84 22.59 -2.53
C LYS A 86 -7.52 23.17 -3.77
N GLU A 87 -7.54 24.50 -3.90
CA GLU A 87 -8.13 25.08 -5.09
C GLU A 87 -7.37 24.59 -6.31
N GLU A 88 -6.03 24.51 -6.23
CA GLU A 88 -5.24 24.10 -7.37
C GLU A 88 -5.62 22.68 -7.78
N ILE A 89 -5.68 21.74 -6.83
CA ILE A 89 -5.98 20.34 -7.12
C ILE A 89 -7.36 20.24 -7.77
N PHE A 90 -8.33 20.97 -7.23
CA PHE A 90 -9.68 20.83 -7.68
C PHE A 90 -9.73 21.22 -9.15
N LYS A 91 -9.12 22.37 -9.45
CA LYS A 91 -9.07 22.88 -10.80
C LYS A 91 -8.31 21.92 -11.71
N ARG A 92 -7.22 21.33 -11.20
CA ARG A 92 -6.37 20.46 -11.99
C ARG A 92 -7.21 19.24 -12.35
N ILE A 93 -8.12 18.82 -11.47
CA ILE A 93 -8.83 17.58 -11.72
C ILE A 93 -10.05 17.86 -12.58
N THR A 94 -10.73 18.96 -12.32
CA THR A 94 -12.05 19.18 -12.88
C THR A 94 -12.04 20.25 -13.98
N GLY A 95 -10.98 21.06 -14.00
CA GLY A 95 -11.00 22.31 -14.75
C GLY A 95 -12.20 23.17 -14.33
N ILE A 96 -12.44 23.29 -13.03
CA ILE A 96 -13.33 24.31 -12.48
C ILE A 96 -12.53 25.15 -11.51
N GLU A 97 -12.61 26.48 -11.63
CA GLU A 97 -11.99 27.31 -10.61
C GLU A 97 -13.02 27.56 -9.53
N ALA A 98 -12.83 26.93 -8.36
CA ALA A 98 -13.74 27.12 -7.26
C ALA A 98 -12.97 27.75 -6.12
N GLU A 99 -13.61 28.70 -5.42
CA GLU A 99 -13.02 29.31 -4.24
C GLU A 99 -13.37 28.40 -3.08
N ILE A 100 -12.45 28.37 -2.09
CA ILE A 100 -12.64 27.54 -0.91
C ILE A 100 -12.86 28.42 0.31
N LYS A 101 -13.77 27.98 1.15
CA LYS A 101 -13.98 28.62 2.46
C LYS A 101 -13.32 27.73 3.51
N GLY A 102 -12.40 28.36 4.26
CA GLY A 102 -11.67 27.70 5.32
C GLY A 102 -12.58 27.28 6.45
N SER A 103 -12.09 26.36 7.28
CA SER A 103 -12.79 25.90 8.46
C SER A 103 -12.67 26.98 9.51
N PRO A 104 -13.76 27.43 10.16
CA PRO A 104 -13.67 28.49 11.16
C PRO A 104 -12.71 28.12 12.26
N ARG A 105 -12.42 26.83 12.41
CA ARG A 105 -11.60 26.33 13.50
C ARG A 105 -10.80 25.15 12.97
N ILE A 106 -9.47 25.16 13.13
CA ILE A 106 -8.62 24.20 12.45
C ILE A 106 -7.98 23.21 13.41
N TRP A 107 -8.32 23.26 14.71
CA TRP A 107 -8.02 22.18 15.64
C TRP A 107 -9.28 21.71 16.36
N TYR A 108 -9.31 20.39 16.62
CA TYR A 108 -10.38 19.77 17.37
C TYR A 108 -11.73 20.05 16.70
N PHE A 109 -11.80 19.84 15.38
CA PHE A 109 -12.95 20.22 14.59
C PHE A 109 -13.83 19.02 14.23
N ARG A 110 -13.25 17.83 14.15
CA ARG A 110 -14.01 16.65 13.81
C ARG A 110 -14.95 16.31 14.95
N ASN A 111 -16.14 15.83 14.60
CA ASN A 111 -17.13 15.45 15.58
C ASN A 111 -17.21 13.92 15.75
N ILE A 112 -16.29 13.20 15.11
CA ILE A 112 -16.21 11.76 15.26
C ILE A 112 -14.77 11.29 15.06
N SER A 113 -14.44 10.18 15.74
CA SER A 113 -13.17 9.52 15.54
C SER A 113 -13.37 8.02 15.76
N ASN A 114 -12.94 7.21 14.79
CA ASN A 114 -12.82 5.79 15.04
C ASN A 114 -11.37 5.49 15.36
N PHE A 115 -11.07 5.39 16.66
CA PHE A 115 -9.80 4.86 17.12
C PHE A 115 -9.80 3.34 16.95
N ILE A 116 -8.82 2.83 16.21
CA ILE A 116 -8.61 1.40 16.12
C ILE A 116 -7.78 0.98 17.32
N ILE A 117 -8.09 -0.20 17.85
CA ILE A 117 -7.41 -0.73 19.02
C ILE A 117 -6.61 -1.94 18.59
N THR A 118 -5.28 -1.81 18.57
CA THR A 118 -4.42 -2.89 18.14
C THR A 118 -3.46 -3.28 19.25
N VAL A 119 -2.85 -4.44 19.07
CA VAL A 119 -1.73 -4.90 19.88
C VAL A 119 -0.55 -3.91 19.80
N ASN A 120 -0.45 -3.14 18.71
CA ASN A 120 0.48 -2.02 18.64
C ASN A 120 -0.12 -0.75 19.23
N GLY A 121 -1.28 -0.83 19.89
CA GLY A 121 -1.86 0.33 20.54
C GLY A 121 -2.92 1.00 19.68
N ILE A 122 -3.37 2.17 20.15
CA ILE A 122 -4.58 2.81 19.64
C ILE A 122 -4.20 3.87 18.61
N GLY A 123 -4.87 3.87 17.46
CA GLY A 123 -4.65 4.90 16.46
C GLY A 123 -5.96 5.40 15.85
N PHE A 124 -5.94 6.60 15.27
CA PHE A 124 -7.01 7.10 14.42
C PHE A 124 -7.05 6.24 13.16
N LYS A 125 -8.18 5.61 12.88
CA LYS A 125 -8.26 4.82 11.66
C LYS A 125 -8.65 5.73 10.51
N GLU A 126 -8.04 5.49 9.34
CA GLU A 126 -8.58 5.94 8.08
C GLU A 126 -8.41 4.84 7.06
N PHE A 127 -9.35 4.74 6.11
CA PHE A 127 -9.39 3.66 5.14
C PHE A 127 -8.76 4.13 3.84
N GLY A 128 -7.75 3.44 3.32
CA GLY A 128 -7.03 3.92 2.14
C GLY A 128 -5.56 4.18 2.44
N MET A 129 -4.71 4.18 1.39
CA MET A 129 -3.29 3.95 1.62
C MET A 129 -2.41 5.19 1.66
N PRO A 130 -2.60 6.26 0.86
CA PRO A 130 -1.81 7.48 1.13
C PRO A 130 -2.49 7.95 2.40
N LYS A 131 -1.95 7.56 3.56
CA LYS A 131 -2.55 7.88 4.84
C LYS A 131 -2.29 9.34 5.16
N THR A 132 -3.23 10.00 5.84
CA THR A 132 -3.18 11.44 5.98
C THR A 132 -3.08 11.84 7.45
N VAL A 133 -3.58 11.01 8.37
CA VAL A 133 -3.45 11.26 9.79
C VAL A 133 -2.76 10.07 10.43
N VAL A 134 -1.47 10.22 10.72
CA VAL A 134 -0.63 9.10 11.08
C VAL A 134 -0.33 9.14 12.57
N ASN A 135 -0.48 10.32 13.19
CA ASN A 135 -0.38 10.37 14.65
C ASN A 135 -1.24 11.51 15.20
N ILE A 136 -2.35 11.13 15.84
CA ILE A 136 -3.35 12.12 16.23
C ILE A 136 -2.89 12.85 17.48
N ARG A 137 -1.78 12.39 18.08
CA ARG A 137 -1.22 13.05 19.24
CA ARG A 137 -1.21 13.04 19.24
C ARG A 137 -0.52 14.32 18.78
N GLU A 138 0.09 14.30 17.59
CA GLU A 138 0.78 15.47 17.10
C GLU A 138 -0.09 16.29 16.15
N CYS A 139 -1.29 15.80 15.87
CA CYS A 139 -2.28 16.55 15.06
C CYS A 139 -3.66 16.38 15.72
N PRO A 140 -4.02 17.21 16.71
CA PRO A 140 -5.27 17.02 17.45
C PRO A 140 -6.49 17.55 16.70
N ILE A 141 -6.92 16.77 15.70
CA ILE A 141 -8.00 17.15 14.80
C ILE A 141 -9.35 16.89 15.44
N PHE A 142 -9.41 16.11 16.53
CA PHE A 142 -10.67 15.61 17.07
C PHE A 142 -11.11 16.39 18.29
N SER A 143 -10.45 16.13 19.43
CA SER A 143 -10.96 16.61 20.70
C SER A 143 -9.81 16.85 21.66
N GLU A 144 -10.09 17.76 22.59
CA GLU A 144 -9.21 18.06 23.70
C GLU A 144 -9.35 16.95 24.75
N ARG A 145 -10.36 16.08 24.60
CA ARG A 145 -10.64 15.05 25.59
C ARG A 145 -10.05 13.71 25.12
N THR A 146 -9.51 13.67 23.90
CA THR A 146 -8.94 12.46 23.34
C THR A 146 -8.07 11.70 24.34
N PRO A 147 -7.22 12.36 25.15
CA PRO A 147 -6.39 11.65 26.11
C PRO A 147 -7.20 10.98 27.21
N LYS A 148 -8.34 11.61 27.55
CA LYS A 148 -9.27 11.08 28.54
C LYS A 148 -10.07 9.92 27.95
N TYR A 149 -10.35 9.99 26.65
CA TYR A 149 -11.07 8.91 26.00
C TYR A 149 -10.19 7.66 25.96
N LEU A 150 -8.90 7.88 25.67
CA LEU A 150 -7.98 6.76 25.51
C LEU A 150 -7.61 6.17 26.87
N LYS A 151 -7.42 7.01 27.90
CA LYS A 151 -7.11 6.53 29.24
C LYS A 151 -8.24 5.63 29.72
N ALA A 152 -9.48 6.10 29.53
CA ALA A 152 -10.66 5.33 29.87
C ALA A 152 -10.61 3.96 29.20
N LEU A 153 -10.32 3.95 27.89
CA LEU A 153 -10.35 2.70 27.15
C LEU A 153 -9.30 1.75 27.72
N LYS A 154 -8.09 2.27 27.98
CA LYS A 154 -7.01 1.45 28.52
C LYS A 154 -7.42 0.89 29.88
N ASP A 155 -8.01 1.73 30.75
CA ASP A 155 -8.51 1.29 32.03
C ASP A 155 -9.55 0.18 31.88
N PHE A 156 -10.40 0.30 30.87
CA PHE A 156 -11.43 -0.70 30.68
C PHE A 156 -10.79 -2.00 30.23
N LEU A 157 -9.79 -1.91 29.36
CA LEU A 157 -9.17 -3.13 28.86
C LEU A 157 -8.40 -3.80 29.98
N ARG A 158 -7.81 -3.04 30.90
CA ARG A 158 -7.25 -3.62 32.11
C ARG A 158 -8.35 -4.40 32.83
N GLU A 159 -9.34 -3.69 33.41
CA GLU A 159 -10.30 -4.33 34.29
C GLU A 159 -11.00 -5.49 33.58
N SER A 160 -11.34 -5.31 32.31
CA SER A 160 -12.01 -6.32 31.52
C SER A 160 -10.93 -6.96 30.66
N ASN A 161 -10.45 -8.13 31.05
CA ASN A 161 -9.22 -8.55 30.42
C ASN A 161 -9.69 -8.88 29.01
N LEU A 162 -9.31 -8.05 28.00
CA LEU A 162 -9.91 -8.11 26.68
C LEU A 162 -8.83 -7.81 25.65
N LYS A 163 -8.80 -8.59 24.57
CA LYS A 163 -7.67 -8.61 23.66
C LYS A 163 -7.93 -7.64 22.52
N PRO A 164 -7.03 -6.68 22.27
CA PRO A 164 -7.06 -5.89 21.03
C PRO A 164 -6.94 -6.69 19.73
N TRP A 165 -7.23 -5.99 18.64
CA TRP A 165 -7.09 -6.49 17.28
C TRP A 165 -5.62 -6.79 17.01
N ASN A 166 -5.29 -8.08 16.84
CA ASN A 166 -3.94 -8.47 16.45
C ASN A 166 -3.90 -8.69 14.93
N TRP A 167 -4.87 -8.11 14.21
CA TRP A 167 -4.96 -8.16 12.75
C TRP A 167 -5.50 -9.47 12.19
N ARG A 168 -5.84 -10.44 13.04
CA ARG A 168 -6.57 -11.63 12.59
C ARG A 168 -7.78 -11.82 13.50
N GLU A 169 -7.64 -11.48 14.77
CA GLU A 169 -8.74 -11.60 15.71
C GLU A 169 -8.47 -10.71 16.93
N GLY A 170 -9.45 -10.69 17.83
CA GLY A 170 -9.40 -9.82 18.99
C GLY A 170 -10.82 -9.58 19.47
N ASP A 171 -10.95 -9.36 20.78
CA ASP A 171 -12.25 -9.16 21.41
C ASP A 171 -12.78 -7.79 20.98
N VAL A 172 -11.98 -6.74 21.17
CA VAL A 172 -12.37 -5.40 20.78
C VAL A 172 -11.60 -4.98 19.52
N HIS A 173 -12.09 -3.98 18.80
CA HIS A 173 -11.53 -3.60 17.50
C HIS A 173 -11.43 -2.07 17.36
N TYR A 174 -12.53 -1.36 17.64
CA TYR A 174 -12.48 0.09 17.57
C TYR A 174 -13.20 0.70 18.76
N LEU A 175 -12.66 1.84 19.21
CA LEU A 175 -13.39 2.77 20.04
C LEU A 175 -13.80 3.92 19.14
N GLN A 176 -15.12 4.05 18.95
CA GLN A 176 -15.71 5.16 18.23
C GLN A 176 -16.24 6.15 19.28
N VAL A 177 -15.77 7.39 19.15
CA VAL A 177 -16.27 8.50 19.94
C VAL A 177 -16.89 9.54 19.00
N ARG A 178 -18.05 10.06 19.38
CA ARG A 178 -18.68 11.16 18.68
C ARG A 178 -19.09 12.23 19.68
N GLU A 179 -18.90 13.48 19.25
CA GLU A 179 -19.15 14.60 20.11
C GLU A 179 -20.13 15.52 19.41
N GLY A 180 -20.99 16.19 20.18
CA GLY A 180 -21.67 17.37 19.69
C GLY A 180 -20.87 18.59 20.09
N LYS A 181 -20.28 19.25 19.10
CA LYS A 181 -19.40 20.36 19.38
C LYS A 181 -20.12 21.48 20.11
N PHE A 182 -21.41 21.70 19.83
CA PHE A 182 -22.11 22.84 20.40
C PHE A 182 -23.10 22.42 21.49
N THR A 183 -22.98 21.22 22.04
CA THR A 183 -23.91 20.79 23.04
C THR A 183 -23.15 20.10 24.19
N GLY A 184 -21.93 19.66 23.94
CA GLY A 184 -21.16 19.06 25.00
C GLY A 184 -21.34 17.54 25.06
N GLU A 185 -22.36 17.02 24.36
CA GLU A 185 -22.76 15.63 24.50
C GLU A 185 -21.71 14.72 23.86
N VAL A 186 -21.52 13.53 24.46
CA VAL A 186 -20.47 12.62 24.05
C VAL A 186 -21.08 11.24 23.97
N MET A 187 -20.86 10.56 22.83
CA MET A 187 -21.27 9.20 22.60
C MET A 187 -20.02 8.33 22.45
N VAL A 188 -20.04 7.18 23.11
CA VAL A 188 -18.95 6.22 23.09
C VAL A 188 -19.51 4.90 22.57
N ASN A 189 -18.83 4.38 21.55
CA ASN A 189 -19.35 3.22 20.85
C ASN A 189 -18.20 2.26 20.66
N ILE A 190 -18.15 1.24 21.50
CA ILE A 190 -17.12 0.21 21.41
C ILE A 190 -17.54 -0.74 20.31
N ILE A 191 -16.61 -1.11 19.44
CA ILE A 191 -16.93 -2.01 18.34
C ILE A 191 -16.15 -3.30 18.50
N ALA A 192 -16.89 -4.39 18.73
CA ALA A 192 -16.32 -5.60 19.31
C ALA A 192 -16.76 -6.83 18.53
N HIS A 193 -15.98 -7.90 18.76
CA HIS A 193 -16.21 -9.20 18.14
C HIS A 193 -16.71 -10.18 19.19
N VAL A 194 -17.02 -9.73 20.41
CA VAL A 194 -17.66 -10.57 21.40
C VAL A 194 -18.77 -9.78 22.06
N PRO A 195 -19.69 -10.43 22.83
CA PRO A 195 -20.73 -9.69 23.54
C PRO A 195 -20.12 -8.98 24.73
N LEU A 196 -20.86 -8.05 25.33
CA LEU A 196 -20.33 -7.34 26.48
C LEU A 196 -20.53 -8.17 27.73
N ASN A 197 -19.46 -8.40 28.51
CA ASN A 197 -19.61 -9.04 29.80
C ASN A 197 -19.38 -8.07 30.96
N TYR A 198 -18.51 -7.07 30.74
CA TYR A 198 -18.07 -6.19 31.81
C TYR A 198 -18.85 -4.88 31.75
N ARG A 199 -20.16 -5.02 31.84
CA ARG A 199 -21.11 -3.93 31.86
C ARG A 199 -20.62 -2.88 32.86
N GLU A 200 -20.30 -3.30 34.08
CA GLU A 200 -20.02 -2.35 35.15
C GLU A 200 -18.67 -1.67 34.92
N ALA A 201 -17.70 -2.42 34.41
CA ALA A 201 -16.37 -1.88 34.18
C ALA A 201 -16.39 -0.82 33.09
N LEU A 202 -17.17 -1.06 32.04
CA LEU A 202 -17.26 -0.17 30.90
C LEU A 202 -17.97 1.10 31.32
N MET A 203 -19.13 0.96 31.99
CA MET A 203 -19.94 2.07 32.45
C MET A 203 -19.10 2.98 33.34
N GLU A 204 -18.28 2.34 34.17
CA GLU A 204 -17.43 3.06 35.10
C GLU A 204 -16.38 3.84 34.33
N ALA A 205 -15.71 3.20 33.38
CA ALA A 205 -14.65 3.84 32.63
C ALA A 205 -15.15 5.05 31.85
N PHE A 206 -16.38 4.95 31.33
CA PHE A 206 -16.94 5.96 30.45
C PHE A 206 -18.12 6.62 31.13
N ASN A 207 -18.01 6.85 32.45
CA ASN A 207 -19.14 7.34 33.23
C ASN A 207 -19.50 8.74 32.77
N PHE A 208 -18.52 9.44 32.18
CA PHE A 208 -18.71 10.78 31.65
C PHE A 208 -19.50 10.79 30.33
N ALA A 209 -19.56 9.70 29.57
CA ALA A 209 -20.30 9.73 28.31
C ALA A 209 -21.80 9.86 28.56
N ASP A 210 -22.50 10.56 27.64
CA ASP A 210 -23.94 10.68 27.70
C ASP A 210 -24.59 9.42 27.15
N SER A 211 -23.84 8.68 26.32
CA SER A 211 -24.31 7.47 25.66
C SER A 211 -23.16 6.48 25.53
N ILE A 212 -23.41 5.25 25.96
CA ILE A 212 -22.47 4.17 25.77
C ILE A 212 -23.16 3.11 24.93
N TYR A 213 -22.50 2.71 23.85
CA TYR A 213 -22.98 1.63 23.02
C TYR A 213 -21.93 0.54 22.94
N TRP A 214 -22.41 -0.68 22.64
CA TRP A 214 -21.55 -1.80 22.36
C TRP A 214 -22.05 -2.42 21.07
N SER A 215 -21.21 -2.38 20.04
CA SER A 215 -21.61 -2.79 18.69
C SER A 215 -20.91 -4.09 18.35
N LEU A 216 -21.70 -5.12 18.02
CA LEU A 216 -21.18 -6.45 17.80
C LEU A 216 -20.96 -6.70 16.31
N LYS A 217 -19.74 -7.03 15.90
CA LYS A 217 -19.44 -7.27 14.50
C LYS A 217 -19.64 -8.77 14.24
N ALA A 218 -20.33 -9.10 13.14
CA ALA A 218 -20.66 -10.47 12.77
C ALA A 218 -19.66 -11.07 11.77
N ASP A 219 -18.72 -10.23 11.30
CA ASP A 219 -17.60 -10.62 10.46
C ASP A 219 -16.28 -10.18 11.12
N LYS A 220 -15.12 -10.56 10.54
CA LYS A 220 -13.82 -10.13 11.05
C LYS A 220 -13.26 -8.93 10.27
N LYS A 221 -13.96 -8.47 9.22
CA LYS A 221 -13.46 -7.43 8.34
C LYS A 221 -13.05 -6.20 9.19
N ASP A 222 -12.07 -5.42 8.64
CA ASP A 222 -11.51 -4.21 9.25
C ASP A 222 -12.38 -3.00 8.86
N ASP A 223 -13.63 -2.93 9.36
CA ASP A 223 -14.50 -1.76 9.15
C ASP A 223 -15.48 -1.56 10.32
N PRO A 224 -15.71 -0.29 10.79
CA PRO A 224 -16.27 -0.01 12.13
C PRO A 224 -17.79 0.17 12.20
N ARG A 225 -18.50 -0.96 12.32
CA ARG A 225 -19.95 -1.06 12.14
C ARG A 225 -20.41 -2.35 12.85
N GLY A 226 -21.59 -2.35 13.49
CA GLY A 226 -22.10 -3.54 14.16
C GLY A 226 -23.63 -3.57 14.25
N PHE A 227 -24.16 -4.38 15.19
CA PHE A 227 -25.54 -4.32 15.65
C PHE A 227 -25.50 -3.71 17.04
N PRO A 228 -25.80 -2.40 17.19
CA PRO A 228 -25.47 -1.68 18.43
C PRO A 228 -26.39 -2.02 19.58
N THR A 229 -25.87 -1.95 20.80
CA THR A 229 -26.65 -2.14 22.00
C THR A 229 -26.40 -0.99 22.95
N LEU A 230 -27.45 -0.26 23.29
CA LEU A 230 -27.32 0.77 24.30
C LEU A 230 -26.92 0.08 25.59
N VAL A 231 -25.84 0.55 26.23
CA VAL A 231 -25.42 -0.01 27.49
C VAL A 231 -25.90 0.90 28.62
N LEU A 232 -25.85 2.19 28.38
CA LEU A 232 -26.18 3.17 29.40
C LEU A 232 -26.43 4.52 28.75
N GLY A 233 -27.42 5.25 29.29
CA GLY A 233 -27.63 6.65 28.95
C GLY A 233 -28.54 6.83 27.73
N ASN A 234 -28.39 8.00 27.08
CA ASN A 234 -29.23 8.39 25.98
C ASN A 234 -28.98 7.52 24.77
N GLU A 235 -30.05 7.32 24.03
CA GLU A 235 -30.05 6.55 22.80
C GLU A 235 -29.27 7.30 21.71
N VAL A 236 -29.32 8.63 21.76
CA VAL A 236 -28.70 9.47 20.75
C VAL A 236 -27.97 10.59 21.45
N ILE A 237 -27.16 11.33 20.69
CA ILE A 237 -26.61 12.61 21.13
C ILE A 237 -27.06 13.68 20.15
N ARG A 238 -26.93 14.93 20.61
CA ARG A 238 -27.41 16.08 19.88
C ARG A 238 -26.22 16.88 19.41
N GLU A 239 -26.24 17.26 18.12
CA GLU A 239 -25.40 18.35 17.63
C GLU A 239 -26.30 19.50 17.23
N LYS A 240 -25.81 20.73 17.38
CA LYS A 240 -26.63 21.90 17.12
C LYS A 240 -25.89 22.83 16.17
N VAL A 241 -26.44 23.02 14.96
CA VAL A 241 -25.84 23.89 13.97
C VAL A 241 -26.90 24.75 13.30
N GLU A 242 -26.61 26.05 13.14
CA GLU A 242 -27.56 27.05 12.64
C GLU A 242 -28.90 26.90 13.35
N GLY A 243 -28.82 26.69 14.66
CA GLY A 243 -30.00 26.65 15.51
C GLY A 243 -30.91 25.44 15.24
N ILE A 244 -30.36 24.39 14.61
CA ILE A 244 -31.12 23.19 14.30
C ILE A 244 -30.51 22.04 15.09
N THR A 245 -31.34 21.37 15.88
CA THR A 245 -30.91 20.22 16.65
C THR A 245 -30.96 18.95 15.79
N TYR A 246 -29.81 18.32 15.62
CA TYR A 246 -29.67 17.15 14.79
C TYR A 246 -29.44 15.95 15.71
N LEU A 247 -29.96 14.77 15.36
CA LEU A 247 -29.77 13.64 16.26
C LEU A 247 -28.82 12.62 15.64
N ILE A 248 -27.93 12.06 16.49
CA ILE A 248 -26.82 11.23 16.06
C ILE A 248 -26.91 9.88 16.77
N HIS A 249 -26.86 8.83 15.96
CA HIS A 249 -27.02 7.47 16.41
C HIS A 249 -25.74 6.73 15.99
N PRO A 250 -25.30 5.68 16.71
CA PRO A 250 -24.11 4.95 16.32
C PRO A 250 -24.19 4.43 14.90
N SER A 251 -25.39 4.22 14.39
CA SER A 251 -25.55 3.57 13.11
C SER A 251 -25.54 4.55 11.92
N VAL A 252 -25.38 5.87 12.14
CA VAL A 252 -25.57 6.83 11.06
C VAL A 252 -24.27 7.55 10.74
N PHE A 253 -24.25 8.17 9.53
CA PHE A 253 -23.21 9.09 9.11
C PHE A 253 -23.69 10.53 9.31
N PHE A 254 -22.76 11.39 9.70
CA PHE A 254 -23.05 12.80 9.80
C PHE A 254 -21.81 13.57 9.35
N GLN A 255 -22.06 14.74 8.74
CA GLN A 255 -21.02 15.60 8.23
C GLN A 255 -20.02 15.80 9.36
N THR A 256 -18.74 15.81 9.01
CA THR A 256 -17.67 15.43 9.92
C THR A 256 -17.19 16.62 10.75
N ASN A 257 -17.38 17.83 10.20
CA ASN A 257 -16.82 19.06 10.73
C ASN A 257 -17.97 20.00 11.10
N SER A 258 -18.30 20.00 12.38
CA SER A 258 -19.44 20.73 12.89
C SER A 258 -19.19 22.23 12.77
N TYR A 259 -17.93 22.64 12.61
CA TYR A 259 -17.56 24.05 12.58
C TYR A 259 -17.65 24.61 11.15
N ALA A 260 -17.24 23.83 10.16
CA ALA A 260 -17.34 24.25 8.76
C ALA A 260 -18.74 23.99 8.16
N LEU A 261 -19.56 23.16 8.82
CA LEU A 261 -20.85 22.73 8.29
C LEU A 261 -21.77 23.90 7.95
N PRO A 262 -21.79 25.04 8.68
CA PRO A 262 -22.65 26.14 8.26
C PRO A 262 -22.27 26.60 6.86
N LEU A 263 -20.99 26.47 6.52
CA LEU A 263 -20.51 26.96 5.24
C LEU A 263 -20.99 26.02 4.14
N LEU A 264 -21.12 24.72 4.46
CA LEU A 264 -21.67 23.79 3.50
C LEU A 264 -23.16 24.06 3.32
N LEU A 265 -23.86 24.40 4.42
CA LEU A 265 -25.30 24.56 4.39
C LEU A 265 -25.69 25.78 3.56
N LYS A 266 -24.96 26.90 3.73
CA LYS A 266 -25.22 28.16 3.05
C LYS A 266 -24.82 28.10 1.58
N SER A 267 -23.80 27.29 1.28
CA SER A 267 -23.38 27.05 -0.10
C SER A 267 -24.53 26.44 -0.89
N VAL A 268 -25.10 25.38 -0.32
CA VAL A 268 -26.11 24.58 -1.00
C VAL A 268 -27.32 25.47 -1.21
N GLU A 269 -27.62 26.29 -0.21
CA GLU A 269 -28.75 27.18 -0.24
C GLU A 269 -28.56 28.22 -1.34
N LYS A 270 -27.38 28.82 -1.38
CA LYS A 270 -27.08 29.80 -2.41
C LYS A 270 -27.34 29.22 -3.81
N PHE A 271 -27.15 27.92 -4.00
CA PHE A 271 -27.23 27.31 -5.33
C PHE A 271 -28.64 26.79 -5.64
N CYS A 272 -29.51 26.71 -4.63
CA CYS A 272 -30.85 26.19 -4.82
C CYS A 272 -31.62 27.12 -5.76
N GLU A 273 -32.67 26.58 -6.39
CA GLU A 273 -33.44 27.23 -7.44
C GLU A 273 -34.87 26.72 -7.43
N GLY A 274 -35.83 27.63 -7.28
CA GLY A 274 -37.22 27.26 -7.08
C GLY A 274 -37.44 27.00 -5.60
N SER A 275 -38.57 26.37 -5.25
CA SER A 275 -38.88 26.08 -3.87
C SER A 275 -38.88 24.57 -3.58
N LYS A 276 -39.16 23.75 -4.59
CA LYS A 276 -39.31 22.32 -4.37
C LYS A 276 -37.97 21.61 -4.55
N VAL A 277 -37.40 21.13 -3.42
CA VAL A 277 -36.05 20.58 -3.41
C VAL A 277 -36.14 19.09 -3.11
N LEU A 278 -35.43 18.26 -3.87
CA LEU A 278 -35.29 16.85 -3.56
C LEU A 278 -33.86 16.59 -3.14
N ASP A 279 -33.70 16.11 -1.90
CA ASP A 279 -32.39 15.89 -1.32
C ASP A 279 -32.13 14.40 -1.19
N LEU A 280 -31.55 13.80 -2.23
CA LEU A 280 -31.24 12.37 -2.20
C LEU A 280 -29.94 12.16 -1.43
N TYR A 281 -29.79 10.98 -0.84
CA TYR A 281 -28.75 10.72 0.13
C TYR A 281 -28.93 11.72 1.28
N SER A 282 -30.15 11.83 1.82
CA SER A 282 -30.53 12.95 2.64
C SER A 282 -29.93 12.85 4.06
N GLY A 283 -29.28 11.73 4.40
CA GLY A 283 -28.78 11.48 5.73
C GLY A 283 -29.77 11.67 6.92
N ILE A 284 -29.22 12.11 8.07
CA ILE A 284 -30.00 12.41 9.27
C ILE A 284 -30.22 13.89 9.00
N GLY A 285 -30.97 14.15 7.90
CA GLY A 285 -31.53 15.48 7.55
C GLY A 285 -30.71 16.76 7.55
N THR A 286 -29.39 16.65 7.40
CA THR A 286 -28.45 17.75 7.56
C THR A 286 -28.82 18.91 6.63
N LEU A 287 -28.87 18.63 5.31
CA LEU A 287 -29.20 19.66 4.33
C LEU A 287 -30.70 19.93 4.32
N SER A 288 -31.51 18.86 4.32
CA SER A 288 -32.96 18.95 4.18
C SER A 288 -33.58 19.87 5.22
N LEU A 289 -33.27 19.60 6.50
CA LEU A 289 -33.84 20.38 7.59
C LEU A 289 -33.40 21.84 7.45
N TYR A 290 -32.14 22.06 7.05
CA TYR A 290 -31.62 23.41 7.00
C TYR A 290 -32.42 24.18 5.96
N LEU A 291 -32.58 23.58 4.77
CA LEU A 291 -33.29 24.22 3.68
C LEU A 291 -34.75 24.41 4.04
N ALA A 292 -35.42 23.34 4.49
CA ALA A 292 -36.86 23.39 4.77
C ALA A 292 -37.15 24.46 5.79
N LYS A 293 -36.29 24.58 6.82
CA LYS A 293 -36.44 25.58 7.87
C LYS A 293 -36.40 26.98 7.28
N ARG A 294 -35.69 27.16 6.17
CA ARG A 294 -35.57 28.42 5.47
C ARG A 294 -36.66 28.58 4.40
N GLY A 295 -37.68 27.72 4.38
CA GLY A 295 -38.85 27.96 3.57
C GLY A 295 -38.91 27.13 2.30
N PHE A 296 -37.87 26.35 1.99
CA PHE A 296 -37.95 25.43 0.86
C PHE A 296 -38.90 24.29 1.19
N GLU A 297 -39.59 23.78 0.16
CA GLU A 297 -40.32 22.52 0.26
C GLU A 297 -39.36 21.37 0.00
N VAL A 298 -39.14 20.53 1.01
CA VAL A 298 -38.02 19.63 0.96
C VAL A 298 -38.47 18.20 1.19
N THR A 299 -38.23 17.35 0.19
CA THR A 299 -38.30 15.90 0.32
C THR A 299 -36.88 15.36 0.37
N GLY A 300 -36.58 14.56 1.40
CA GLY A 300 -35.29 13.89 1.54
C GLY A 300 -35.46 12.37 1.50
N VAL A 301 -34.56 11.72 0.75
CA VAL A 301 -34.54 10.28 0.62
C VAL A 301 -33.15 9.74 0.99
N GLU A 302 -33.12 8.78 1.92
CA GLU A 302 -31.89 8.19 2.44
C GLU A 302 -32.09 6.69 2.60
N VAL A 303 -31.06 5.89 2.32
CA VAL A 303 -31.26 4.44 2.34
C VAL A 303 -31.32 3.95 3.79
N ASN A 304 -30.48 4.55 4.65
CA ASN A 304 -30.37 4.11 6.03
C ASN A 304 -31.63 4.51 6.80
N GLY A 305 -32.34 3.50 7.32
CA GLY A 305 -33.63 3.70 7.98
C GLY A 305 -33.51 4.43 9.31
N THR A 306 -32.48 4.08 10.08
CA THR A 306 -32.13 4.75 11.33
C THR A 306 -31.83 6.24 11.10
N SER A 307 -31.14 6.58 10.01
CA SER A 307 -30.90 7.96 9.64
C SER A 307 -32.22 8.69 9.38
N VAL A 308 -33.14 8.01 8.71
CA VAL A 308 -34.36 8.66 8.30
C VAL A 308 -35.21 8.96 9.51
N GLU A 309 -35.23 8.04 10.49
CA GLU A 309 -35.90 8.25 11.77
C GLU A 309 -35.33 9.50 12.45
N MET A 310 -33.99 9.58 12.54
CA MET A 310 -33.30 10.71 13.14
C MET A 310 -33.76 12.03 12.50
N ALA A 311 -33.94 12.04 11.18
CA ALA A 311 -34.34 13.24 10.48
C ALA A 311 -35.77 13.60 10.83
N LYS A 312 -36.66 12.60 10.89
CA LYS A 312 -38.05 12.81 11.25
C LYS A 312 -38.19 13.41 12.65
N ARG A 313 -37.41 12.87 13.60
CA ARG A 313 -37.42 13.32 14.98
C ARG A 313 -36.85 14.73 15.09
N SER A 314 -35.76 15.02 14.37
CA SER A 314 -35.19 16.35 14.34
C SER A 314 -36.25 17.34 13.89
N ALA A 315 -37.03 16.95 12.87
CA ALA A 315 -38.02 17.83 12.31
C ALA A 315 -39.05 18.22 13.38
N GLU A 316 -39.47 17.21 14.16
CA GLU A 316 -40.41 17.43 15.24
C GLU A 316 -39.83 18.34 16.32
N ILE A 317 -38.65 17.98 16.81
CA ILE A 317 -37.92 18.75 17.81
C ILE A 317 -37.79 20.20 17.37
N ASN A 318 -37.50 20.44 16.09
CA ASN A 318 -37.17 21.76 15.62
C ASN A 318 -38.39 22.47 15.04
N SER A 319 -39.55 21.81 14.99
CA SER A 319 -40.69 22.32 14.26
C SER A 319 -40.31 22.69 12.83
N ILE A 320 -39.86 21.69 12.07
CA ILE A 320 -39.56 21.88 10.67
C ILE A 320 -40.55 21.04 9.86
N ASN A 321 -40.98 21.65 8.76
CA ASN A 321 -41.97 21.07 7.88
C ASN A 321 -41.26 20.43 6.71
N ALA A 322 -41.11 19.11 6.68
CA ALA A 322 -40.36 18.46 5.61
C ALA A 322 -40.69 16.97 5.54
N THR A 323 -40.37 16.32 4.42
CA THR A 323 -40.73 14.93 4.26
C THR A 323 -39.48 14.07 4.20
N PHE A 324 -39.52 12.90 4.83
CA PHE A 324 -38.35 12.06 4.86
C PHE A 324 -38.72 10.63 4.62
N ILE A 325 -38.00 9.98 3.71
CA ILE A 325 -38.37 8.65 3.27
C ILE A 325 -37.13 7.76 3.25
N GLN A 326 -37.33 6.50 3.70
CA GLN A 326 -36.38 5.44 3.43
C GLN A 326 -36.46 4.99 1.96
N GLY A 327 -35.29 4.90 1.34
CA GLY A 327 -35.17 4.34 0.00
C GLY A 327 -33.79 4.60 -0.60
N LYS A 328 -33.54 3.96 -1.73
CA LYS A 328 -32.30 4.11 -2.47
C LYS A 328 -32.50 5.23 -3.47
N ALA A 329 -31.47 6.04 -3.70
CA ALA A 329 -31.63 7.23 -4.52
C ALA A 329 -31.98 6.84 -5.95
N GLU A 330 -31.45 5.68 -6.37
CA GLU A 330 -31.69 5.05 -7.66
C GLU A 330 -33.19 4.95 -7.95
N ASP A 331 -34.03 4.78 -6.92
CA ASP A 331 -35.43 4.52 -7.19
C ASP A 331 -36.33 5.67 -6.75
N ALA A 332 -35.80 6.83 -6.41
CA ALA A 332 -36.68 7.95 -6.07
C ALA A 332 -37.20 8.64 -7.34
N GLU A 333 -38.44 9.13 -7.29
CA GLU A 333 -39.08 9.81 -8.40
C GLU A 333 -38.56 11.24 -8.45
N LEU A 334 -38.12 11.68 -9.63
CA LEU A 334 -37.38 12.92 -9.74
C LEU A 334 -38.26 14.02 -10.34
N GLU A 335 -39.49 13.66 -10.73
CA GLU A 335 -40.33 14.60 -11.45
C GLU A 335 -40.88 15.56 -10.41
N GLY A 336 -41.38 16.70 -10.86
CA GLY A 336 -42.14 17.60 -10.00
C GLY A 336 -41.29 18.50 -9.13
N TYR A 337 -39.97 18.58 -9.39
CA TYR A 337 -39.09 19.37 -8.54
C TYR A 337 -38.32 20.40 -9.37
N GLU A 338 -37.79 21.40 -8.67
CA GLU A 338 -37.06 22.49 -9.28
C GLU A 338 -35.55 22.33 -9.08
N THR A 339 -35.14 21.81 -7.92
CA THR A 339 -33.74 21.54 -7.62
C THR A 339 -33.57 20.12 -7.09
N LEU A 340 -32.47 19.47 -7.50
CA LEU A 340 -32.07 18.15 -7.02
C LEU A 340 -30.69 18.25 -6.41
N ILE A 341 -30.56 17.75 -5.18
CA ILE A 341 -29.26 17.67 -4.53
C ILE A 341 -28.87 16.21 -4.45
N VAL A 342 -27.61 15.95 -4.79
CA VAL A 342 -27.05 14.62 -4.57
C VAL A 342 -25.75 14.77 -3.78
N ASP A 343 -25.56 13.78 -2.88
CA ASP A 343 -24.41 13.68 -1.98
C ASP A 343 -23.95 12.23 -2.01
N PRO A 344 -23.54 11.69 -3.17
CA PRO A 344 -23.35 10.26 -3.30
C PRO A 344 -22.16 9.80 -2.48
N PRO A 345 -22.02 8.48 -2.24
CA PRO A 345 -20.86 7.95 -1.52
C PRO A 345 -19.66 8.01 -2.47
N ARG A 346 -18.51 7.46 -2.06
CA ARG A 346 -17.26 7.70 -2.77
C ARG A 346 -17.30 7.13 -4.18
N LYS A 347 -18.09 6.05 -4.41
CA LYS A 347 -18.21 5.38 -5.69
C LYS A 347 -19.03 6.20 -6.70
N GLY A 348 -19.68 7.27 -6.23
CA GLY A 348 -20.28 8.26 -7.10
C GLY A 348 -21.72 7.88 -7.44
N LEU A 349 -22.28 8.56 -8.45
CA LEU A 349 -23.63 8.27 -8.92
C LEU A 349 -23.63 6.92 -9.61
N LYS A 350 -22.53 6.61 -10.31
CA LYS A 350 -22.50 5.46 -11.19
C LYS A 350 -23.64 5.58 -12.19
N GLU A 351 -24.50 4.55 -12.25
CA GLU A 351 -25.40 4.39 -13.38
C GLU A 351 -26.67 5.20 -13.17
N PHE A 352 -26.83 5.74 -11.96
CA PHE A 352 -27.96 6.56 -11.61
C PHE A 352 -27.97 7.82 -12.48
N SER A 353 -26.81 8.16 -13.04
CA SER A 353 -26.63 9.34 -13.87
C SER A 353 -27.53 9.31 -15.11
N ARG A 354 -27.81 8.12 -15.66
CA ARG A 354 -28.65 8.01 -16.85
C ARG A 354 -30.09 8.39 -16.53
N ARG A 355 -30.51 8.04 -15.30
CA ARG A 355 -31.83 8.39 -14.80
C ARG A 355 -31.93 9.89 -14.61
N ILE A 356 -30.85 10.52 -14.11
CA ILE A 356 -30.80 11.95 -13.87
C ILE A 356 -30.72 12.69 -15.19
N VAL A 357 -30.03 12.08 -16.16
CA VAL A 357 -29.94 12.68 -17.48
C VAL A 357 -31.36 12.83 -18.04
N LYS A 358 -32.22 11.80 -17.90
CA LYS A 358 -33.54 11.77 -18.51
C LYS A 358 -34.58 12.55 -17.68
N LYS A 359 -34.70 12.22 -16.38
CA LYS A 359 -35.84 12.65 -15.55
C LYS A 359 -35.46 13.77 -14.57
N GLY A 360 -34.17 14.09 -14.46
CA GLY A 360 -33.70 15.05 -13.47
C GLY A 360 -34.30 16.43 -13.65
N PRO A 361 -34.36 17.27 -12.62
CA PRO A 361 -34.82 18.66 -12.74
C PRO A 361 -33.83 19.62 -13.38
N ASN A 362 -34.12 20.91 -13.38
CA ASN A 362 -33.31 21.90 -14.09
C ASN A 362 -32.03 22.24 -13.35
N THR A 363 -32.12 22.42 -12.04
CA THR A 363 -30.95 22.68 -11.21
C THR A 363 -30.55 21.39 -10.50
N LEU A 364 -29.32 20.93 -10.74
CA LEU A 364 -28.74 19.81 -10.02
C LEU A 364 -27.59 20.35 -9.19
N ILE A 365 -27.58 20.05 -7.89
CA ILE A 365 -26.46 20.34 -7.01
C ILE A 365 -25.77 19.03 -6.61
N TYR A 366 -24.46 18.94 -6.83
CA TYR A 366 -23.74 17.73 -6.53
C TYR A 366 -22.71 18.02 -5.44
N VAL A 367 -22.81 17.28 -4.31
CA VAL A 367 -21.89 17.38 -3.18
C VAL A 367 -20.97 16.16 -3.12
N SER A 368 -19.66 16.42 -3.25
CA SER A 368 -18.64 15.39 -3.42
C SER A 368 -17.43 15.71 -2.55
N CYS A 369 -17.04 14.74 -1.73
CA CYS A 369 -15.75 14.76 -1.07
C CYS A 369 -14.69 14.11 -1.98
N ASN A 370 -15.01 13.91 -3.27
CA ASN A 370 -14.09 13.20 -4.13
C ASN A 370 -14.22 13.71 -5.57
N PRO A 371 -13.47 14.79 -5.94
CA PRO A 371 -13.63 15.45 -7.23
C PRO A 371 -13.29 14.62 -8.46
N LEU A 372 -12.39 13.66 -8.30
CA LEU A 372 -12.03 12.83 -9.45
C LEU A 372 -13.25 12.03 -9.90
N ARG A 373 -14.00 11.52 -8.92
CA ARG A 373 -15.19 10.74 -9.19
C ARG A 373 -16.30 11.65 -9.71
N PHE A 374 -16.39 12.90 -9.21
CA PHE A 374 -17.39 13.85 -9.68
C PHE A 374 -17.21 14.07 -11.17
N ILE A 375 -16.00 14.45 -11.58
CA ILE A 375 -15.76 14.86 -12.94
C ILE A 375 -16.01 13.67 -13.87
N LEU A 376 -15.73 12.46 -13.40
CA LEU A 376 -15.99 11.24 -14.17
C LEU A 376 -17.49 11.01 -14.36
N ASP A 377 -18.28 11.25 -13.31
CA ASP A 377 -19.73 11.17 -13.41
C ASP A 377 -20.20 12.19 -14.44
N TYR A 378 -19.58 13.38 -14.41
CA TYR A 378 -19.98 14.49 -15.26
C TYR A 378 -19.62 14.18 -16.71
N ARG A 379 -18.35 13.83 -16.96
CA ARG A 379 -17.87 13.55 -18.31
C ARG A 379 -18.66 12.39 -18.90
N ASN A 380 -18.89 11.35 -18.10
CA ASN A 380 -19.39 10.10 -18.62
C ASN A 380 -20.91 10.13 -18.80
N TYR A 381 -21.66 10.97 -18.06
CA TYR A 381 -23.11 10.91 -18.13
C TYR A 381 -23.74 12.29 -18.11
N LEU A 382 -23.50 13.04 -17.03
CA LEU A 382 -24.28 14.23 -16.70
C LEU A 382 -24.15 15.32 -17.77
N SER A 383 -23.00 15.39 -18.44
CA SER A 383 -22.71 16.50 -19.33
C SER A 383 -23.63 16.47 -20.56
N GLU A 384 -24.14 15.29 -20.91
CA GLU A 384 -25.15 15.15 -21.94
C GLU A 384 -26.27 16.15 -21.72
N ALA A 385 -26.73 16.23 -20.47
CA ALA A 385 -27.89 17.03 -20.12
C ALA A 385 -27.49 18.29 -19.37
N TYR A 386 -26.36 18.26 -18.65
CA TYR A 386 -26.06 19.31 -17.69
C TYR A 386 -24.75 20.00 -18.03
N LYS A 387 -24.59 21.20 -17.48
CA LYS A 387 -23.37 21.98 -17.55
C LYS A 387 -23.15 22.59 -16.16
N VAL A 388 -21.87 22.72 -15.76
CA VAL A 388 -21.52 23.35 -14.51
C VAL A 388 -21.79 24.84 -14.63
N ASP A 389 -22.39 25.41 -13.59
CA ASP A 389 -22.87 26.77 -13.58
C ASP A 389 -22.11 27.53 -12.50
N ASP A 390 -21.69 26.81 -11.46
CA ASP A 390 -21.07 27.38 -10.26
C ASP A 390 -20.52 26.22 -9.43
N ALA A 391 -19.73 26.57 -8.40
CA ALA A 391 -19.02 25.60 -7.57
C ALA A 391 -18.40 26.33 -6.38
N LEU A 392 -18.41 25.70 -5.21
CA LEU A 392 -17.68 26.19 -4.06
C LEU A 392 -16.93 25.05 -3.38
N LEU A 393 -15.83 25.37 -2.68
CA LEU A 393 -15.18 24.38 -1.85
C LEU A 393 -15.33 24.76 -0.39
N ILE A 394 -15.44 23.73 0.49
CA ILE A 394 -15.41 23.91 1.93
C ILE A 394 -14.30 23.00 2.47
N ASP A 395 -13.45 23.58 3.32
CA ASP A 395 -12.38 22.81 3.94
C ASP A 395 -12.95 22.15 5.18
N MET A 396 -13.46 20.93 4.99
CA MET A 396 -13.98 20.15 6.11
C MET A 396 -12.86 19.36 6.79
N PHE A 397 -11.71 19.17 6.11
CA PHE A 397 -10.67 18.31 6.62
CA PHE A 397 -10.67 18.35 6.73
C PHE A 397 -9.32 19.05 6.62
N PRO A 398 -9.12 20.12 7.43
CA PRO A 398 -7.80 20.74 7.58
C PRO A 398 -6.61 19.79 7.82
N HIS A 399 -5.42 20.26 7.41
CA HIS A 399 -4.16 19.57 7.60
C HIS A 399 -4.07 18.30 6.75
N THR A 400 -5.10 18.01 5.96
CA THR A 400 -5.06 16.86 5.07
C THR A 400 -5.53 17.33 3.68
N PRO A 401 -5.16 16.62 2.59
CA PRO A 401 -5.51 17.06 1.26
C PRO A 401 -6.94 16.80 0.77
N HIS A 402 -7.85 16.35 1.66
CA HIS A 402 -9.21 16.01 1.28
C HIS A 402 -9.97 17.30 0.98
N ILE A 403 -10.88 17.21 0.01
CA ILE A 403 -11.66 18.34 -0.43
C ILE A 403 -13.16 17.99 -0.38
N GLU A 404 -13.98 18.97 0.02
CA GLU A 404 -15.43 18.89 -0.05
C GLU A 404 -15.92 19.96 -1.03
N ALA A 405 -16.45 19.52 -2.17
CA ALA A 405 -16.92 20.41 -3.21
C ALA A 405 -18.44 20.45 -3.24
N VAL A 406 -18.99 21.63 -3.55
CA VAL A 406 -20.41 21.81 -3.82
C VAL A 406 -20.53 22.37 -5.24
N ILE A 407 -21.08 21.57 -6.16
CA ILE A 407 -21.14 21.93 -7.56
C ILE A 407 -22.59 22.09 -7.99
N LYS A 408 -22.88 23.25 -8.59
CA LYS A 408 -24.20 23.55 -9.14
C LYS A 408 -24.17 23.35 -10.65
N LEU A 409 -24.98 22.41 -11.15
CA LEU A 409 -25.16 22.21 -12.58
C LEU A 409 -26.58 22.59 -12.99
N VAL A 410 -26.75 23.03 -14.24
CA VAL A 410 -28.05 23.38 -14.78
C VAL A 410 -28.20 22.70 -16.14
N ARG A 411 -29.41 22.70 -16.67
CA ARG A 411 -29.70 22.00 -17.90
C ARG A 411 -29.36 22.88 -19.10
N ARG A 412 -28.98 22.23 -20.20
CA ARG A 412 -28.62 22.91 -21.43
C ARG A 412 -29.90 23.34 -22.16
N MET B 3 -19.85 -5.17 -6.56
CA MET B 3 -19.52 -5.42 -7.99
C MET B 3 -19.06 -6.87 -8.16
N ARG B 4 -19.71 -7.54 -9.11
CA ARG B 4 -19.43 -8.93 -9.46
C ARG B 4 -19.04 -8.94 -10.94
N GLY B 5 -18.15 -9.85 -11.34
CA GLY B 5 -17.84 -10.04 -12.75
C GLY B 5 -16.80 -11.13 -12.99
N LYS B 6 -16.33 -11.23 -14.24
CA LYS B 6 -15.34 -12.23 -14.61
C LYS B 6 -13.99 -11.55 -14.78
N ILE B 7 -12.95 -12.15 -14.18
CA ILE B 7 -11.59 -11.64 -14.29
C ILE B 7 -11.10 -11.91 -15.71
N THR B 8 -10.55 -10.87 -16.33
CA THR B 8 -10.29 -10.88 -17.77
C THR B 8 -8.80 -11.13 -17.99
N LYS B 9 -7.94 -10.39 -17.30
CA LYS B 9 -6.51 -10.60 -17.41
C LYS B 9 -5.85 -10.41 -16.05
N ILE B 10 -4.54 -10.66 -15.98
CA ILE B 10 -3.75 -10.18 -14.86
C ILE B 10 -2.95 -8.98 -15.33
N ASN B 11 -2.67 -8.08 -14.37
CA ASN B 11 -1.84 -6.92 -14.62
C ASN B 11 -0.38 -7.33 -14.45
N GLU B 12 0.50 -6.34 -14.61
CA GLU B 12 1.94 -6.53 -14.66
C GLU B 12 2.42 -7.15 -13.35
N ASN B 13 1.85 -6.71 -12.23
CA ASN B 13 2.23 -7.16 -10.91
C ASN B 13 1.49 -8.43 -10.47
N GLY B 14 0.64 -9.00 -11.34
CA GLY B 14 0.10 -10.34 -11.11
C GLY B 14 -1.27 -10.34 -10.42
N LEU B 15 -1.84 -9.14 -10.28
CA LEU B 15 -3.18 -8.96 -9.73
C LEU B 15 -4.21 -9.15 -10.84
N GLY B 16 -5.33 -9.81 -10.53
CA GLY B 16 -6.42 -9.95 -11.48
C GLY B 16 -7.14 -8.63 -11.72
N VAL B 17 -7.54 -8.39 -12.96
CA VAL B 17 -8.22 -7.16 -13.34
C VAL B 17 -9.72 -7.42 -13.42
N LEU B 18 -10.49 -6.55 -12.73
CA LEU B 18 -11.94 -6.56 -12.82
C LEU B 18 -12.42 -5.14 -13.10
N GLY B 19 -12.61 -4.85 -14.39
CA GLY B 19 -12.82 -3.48 -14.81
C GLY B 19 -11.64 -2.68 -14.28
N ASN B 20 -11.93 -1.56 -13.62
CA ASN B 20 -10.85 -0.76 -13.05
C ASN B 20 -10.83 -0.98 -11.54
N ILE B 21 -10.94 -2.26 -11.16
CA ILE B 21 -10.57 -2.72 -9.84
C ILE B 21 -9.42 -3.70 -10.04
N LEU B 22 -8.53 -3.79 -9.05
CA LEU B 22 -7.48 -4.80 -9.04
C LEU B 22 -7.75 -5.78 -7.92
N VAL B 23 -7.76 -7.08 -8.24
CA VAL B 23 -8.24 -8.09 -7.31
C VAL B 23 -7.12 -9.09 -7.03
N PRO B 24 -6.41 -8.96 -5.88
CA PRO B 24 -5.39 -9.92 -5.49
C PRO B 24 -5.95 -11.33 -5.33
N PHE B 25 -5.20 -12.31 -5.88
CA PHE B 25 -5.40 -13.75 -5.70
C PHE B 25 -6.49 -14.27 -6.60
N ALA B 26 -7.20 -13.36 -7.27
CA ALA B 26 -8.07 -13.72 -8.39
C ALA B 26 -7.23 -13.88 -9.65
N TYR B 27 -7.64 -14.80 -10.53
CA TYR B 27 -6.89 -15.12 -11.74
C TYR B 27 -7.83 -15.08 -12.96
N PRO B 28 -7.30 -15.01 -14.19
CA PRO B 28 -8.13 -15.00 -15.40
C PRO B 28 -9.07 -16.20 -15.40
N GLY B 29 -10.35 -15.90 -15.64
CA GLY B 29 -11.39 -16.92 -15.77
C GLY B 29 -12.23 -17.01 -14.51
N ASP B 30 -11.76 -16.40 -13.42
CA ASP B 30 -12.53 -16.42 -12.18
C ASP B 30 -13.80 -15.60 -12.40
N GLU B 31 -14.91 -16.09 -11.84
CA GLU B 31 -16.05 -15.25 -11.56
C GLU B 31 -15.97 -14.90 -10.08
N VAL B 32 -15.87 -13.59 -9.78
CA VAL B 32 -15.62 -13.11 -8.43
C VAL B 32 -16.71 -12.13 -8.01
N GLU B 33 -16.78 -11.90 -6.70
CA GLU B 33 -17.65 -10.92 -6.11
C GLU B 33 -16.83 -10.21 -5.04
N VAL B 34 -16.70 -8.88 -5.15
CA VAL B 34 -15.87 -8.12 -4.23
C VAL B 34 -16.76 -7.38 -3.26
N THR B 35 -16.35 -7.37 -1.98
CA THR B 35 -17.15 -6.84 -0.89
C THR B 35 -16.59 -5.52 -0.38
N GLU B 36 -15.29 -5.52 0.00
CA GLU B 36 -14.59 -4.32 0.41
C GLU B 36 -13.42 -4.09 -0.53
N THR B 37 -13.18 -2.81 -0.85
CA THR B 37 -12.00 -2.35 -1.55
C THR B 37 -11.29 -1.29 -0.70
N ARG B 38 -10.08 -0.95 -1.11
CA ARG B 38 -9.34 0.10 -0.44
C ARG B 38 -8.56 0.88 -1.48
N GLU B 39 -8.59 2.22 -1.37
CA GLU B 39 -7.77 3.13 -2.16
C GLU B 39 -6.30 2.81 -1.86
N ARG B 40 -5.46 2.73 -2.89
CA ARG B 40 -4.04 2.48 -2.72
C ARG B 40 -3.23 3.27 -3.72
N PHE B 41 -2.87 4.51 -3.36
CA PHE B 41 -2.16 5.43 -4.23
C PHE B 41 -2.86 5.54 -5.57
N GLY B 42 -4.17 5.82 -5.54
CA GLY B 42 -4.93 6.06 -6.74
C GLY B 42 -5.23 4.81 -7.56
N LYS B 43 -5.13 3.63 -6.96
CA LYS B 43 -5.70 2.42 -7.55
C LYS B 43 -6.75 1.90 -6.56
N ILE B 44 -7.85 1.33 -7.06
CA ILE B 44 -8.81 0.68 -6.17
C ILE B 44 -8.47 -0.81 -6.11
N ILE B 45 -8.16 -1.30 -4.90
CA ILE B 45 -7.73 -2.69 -4.72
C ILE B 45 -8.77 -3.41 -3.87
N ALA B 46 -9.17 -4.59 -4.35
CA ALA B 46 -10.10 -5.45 -3.64
C ALA B 46 -9.47 -5.97 -2.35
N ARG B 47 -10.12 -5.76 -1.21
CA ARG B 47 -9.56 -6.18 0.07
C ARG B 47 -9.80 -7.68 0.26
N ASP B 48 -10.98 -8.16 -0.13
CA ASP B 48 -11.26 -9.59 -0.19
C ASP B 48 -12.48 -9.78 -1.08
N PHE B 49 -12.63 -11.02 -1.53
CA PHE B 49 -13.61 -11.38 -2.55
C PHE B 49 -14.15 -12.78 -2.28
N LYS B 50 -15.34 -13.07 -2.81
CA LYS B 50 -15.86 -14.43 -2.81
C LYS B 50 -15.72 -14.99 -4.22
N LEU B 51 -15.12 -16.18 -4.31
CA LEU B 51 -14.91 -16.84 -5.59
C LEU B 51 -16.19 -17.56 -6.03
N MET B 52 -16.88 -17.02 -7.02
CA MET B 52 -18.18 -17.55 -7.44
C MET B 52 -18.00 -18.77 -8.35
N THR B 53 -17.14 -18.65 -9.37
CA THR B 53 -16.80 -19.79 -10.21
C THR B 53 -15.28 -19.85 -10.38
N PRO B 54 -14.64 -21.02 -10.13
CA PRO B 54 -13.19 -21.12 -10.23
C PRO B 54 -12.76 -21.16 -11.69
N SER B 55 -11.72 -20.40 -12.05
CA SER B 55 -11.22 -20.48 -13.41
C SER B 55 -10.68 -21.90 -13.60
N PRO B 56 -10.73 -22.41 -14.84
CA PRO B 56 -10.09 -23.69 -15.16
C PRO B 56 -8.58 -23.70 -14.92
N LEU B 57 -7.99 -22.54 -14.62
CA LEU B 57 -6.56 -22.46 -14.35
C LEU B 57 -6.21 -22.92 -12.93
N ARG B 58 -7.18 -22.93 -12.02
CA ARG B 58 -6.89 -23.18 -10.61
C ARG B 58 -6.62 -24.67 -10.39
N ILE B 59 -5.72 -24.94 -9.43
CA ILE B 59 -5.54 -26.27 -8.90
C ILE B 59 -6.87 -26.75 -8.35
N PRO B 60 -7.39 -27.93 -8.74
CA PRO B 60 -8.61 -28.45 -8.14
C PRO B 60 -8.31 -28.72 -6.67
N GLY B 61 -9.33 -28.59 -5.83
CA GLY B 61 -9.17 -28.73 -4.38
C GLY B 61 -9.65 -27.48 -3.66
N LYS B 62 -8.97 -27.14 -2.55
CA LYS B 62 -9.36 -25.98 -1.78
C LYS B 62 -9.15 -24.73 -2.61
N CYS B 63 -8.22 -24.82 -3.55
CA CYS B 63 -7.87 -23.64 -4.37
C CYS B 63 -9.02 -23.31 -5.33
N SER B 64 -9.92 -24.26 -5.56
CA SER B 64 -11.02 -24.02 -6.49
C SER B 64 -12.31 -23.69 -5.74
N HIS B 65 -12.22 -23.55 -4.42
CA HIS B 65 -13.37 -23.22 -3.56
C HIS B 65 -13.12 -21.92 -2.80
N PHE B 66 -11.86 -21.63 -2.48
CA PHE B 66 -11.46 -20.37 -1.88
C PHE B 66 -10.63 -19.62 -2.91
N GLY B 67 -10.81 -18.29 -3.02
CA GLY B 67 -10.01 -17.49 -3.95
C GLY B 67 -8.56 -17.37 -3.51
N LYS B 68 -8.39 -17.13 -2.21
CA LYS B 68 -7.09 -17.05 -1.59
C LYS B 68 -6.82 -18.40 -0.91
N CYS B 69 -6.19 -19.33 -1.63
CA CYS B 69 -5.81 -20.62 -1.03
C CYS B 69 -4.98 -20.33 0.20
N GLY B 70 -3.91 -19.57 0.03
CA GLY B 70 -3.15 -19.13 1.16
C GLY B 70 -1.71 -18.85 0.68
N GLY B 71 -0.97 -18.09 1.47
CA GLY B 71 0.45 -18.02 1.28
C GLY B 71 1.18 -17.24 0.18
N CYS B 72 0.89 -17.61 -1.06
CA CYS B 72 1.54 -16.98 -2.22
C CYS B 72 0.43 -16.47 -3.16
N LEU B 73 0.64 -15.33 -3.79
CA LEU B 73 -0.33 -14.65 -4.63
C LEU B 73 -0.85 -15.59 -5.71
N TRP B 74 0.03 -16.38 -6.31
CA TRP B 74 -0.37 -17.25 -7.40
C TRP B 74 -0.45 -18.71 -6.97
N GLN B 75 -0.67 -18.97 -5.69
CA GLN B 75 -0.58 -20.34 -5.20
C GLN B 75 -1.66 -21.20 -5.84
N GLY B 76 -2.82 -20.58 -6.12
CA GLY B 76 -4.01 -21.26 -6.60
C GLY B 76 -3.98 -21.63 -8.08
N LEU B 77 -3.01 -21.08 -8.82
CA LEU B 77 -2.80 -21.42 -10.21
C LEU B 77 -2.02 -22.72 -10.36
N ARG B 78 -2.47 -23.59 -11.27
CA ARG B 78 -1.68 -24.74 -11.67
C ARG B 78 -0.35 -24.26 -12.24
N TYR B 79 0.72 -25.03 -12.03
CA TYR B 79 2.05 -24.53 -12.27
C TYR B 79 2.27 -24.22 -13.75
N ARG B 80 1.92 -25.17 -14.62
CA ARG B 80 1.94 -24.95 -16.06
C ARG B 80 1.25 -23.63 -16.38
N GLU B 81 0.15 -23.32 -15.69
CA GLU B 81 -0.65 -22.16 -16.04
C GLU B 81 0.03 -20.88 -15.56
N GLN B 82 0.82 -20.96 -14.48
CA GLN B 82 1.62 -19.84 -14.01
C GLN B 82 2.67 -19.51 -15.06
N LEU B 83 3.25 -20.55 -15.66
CA LEU B 83 4.34 -20.39 -16.60
C LEU B 83 3.83 -19.69 -17.87
N LYS B 84 2.61 -20.03 -18.33
CA LYS B 84 2.03 -19.40 -19.49
C LYS B 84 1.72 -17.94 -19.19
N LEU B 85 1.27 -17.66 -17.98
CA LEU B 85 0.94 -16.29 -17.59
C LEU B 85 2.21 -15.44 -17.51
N LYS B 86 3.36 -16.08 -17.23
CA LYS B 86 4.62 -15.37 -17.20
C LYS B 86 5.06 -15.07 -18.63
N GLU B 87 4.92 -16.03 -19.55
CA GLU B 87 5.23 -15.78 -20.94
C GLU B 87 4.36 -14.62 -21.44
N GLU B 88 3.08 -14.63 -21.08
CA GLU B 88 2.17 -13.60 -21.56
C GLU B 88 2.65 -12.24 -21.08
N ILE B 89 2.96 -12.09 -19.79
CA ILE B 89 3.34 -10.79 -19.25
C ILE B 89 4.61 -10.29 -19.95
N PHE B 90 5.57 -11.19 -20.15
CA PHE B 90 6.85 -10.80 -20.70
C PHE B 90 6.62 -10.21 -22.09
N LYS B 91 5.86 -10.94 -22.90
CA LYS B 91 5.51 -10.53 -24.25
C LYS B 91 4.73 -9.21 -24.22
N ARG B 92 3.80 -9.05 -23.27
CA ARG B 92 2.97 -7.86 -23.23
C ARG B 92 3.88 -6.67 -22.94
N ILE B 93 4.93 -6.87 -22.14
CA ILE B 93 5.77 -5.76 -21.74
C ILE B 93 6.83 -5.48 -22.80
N THR B 94 7.39 -6.52 -23.40
CA THR B 94 8.56 -6.36 -24.26
C THR B 94 8.21 -6.53 -25.73
N GLY B 95 7.06 -7.15 -26.02
CA GLY B 95 6.81 -7.67 -27.36
C GLY B 95 7.90 -8.63 -27.81
N ILE B 96 8.35 -9.51 -26.92
CA ILE B 96 9.18 -10.64 -27.30
C ILE B 96 8.46 -11.92 -26.90
N GLU B 97 8.34 -12.86 -27.84
CA GLU B 97 7.82 -14.17 -27.49
C GLU B 97 8.96 -15.05 -26.99
N ALA B 98 9.01 -15.29 -25.68
CA ALA B 98 10.04 -16.10 -25.08
C ALA B 98 9.37 -17.31 -24.43
N GLU B 99 10.02 -18.48 -24.50
CA GLU B 99 9.59 -19.64 -23.74
C GLU B 99 10.22 -19.58 -22.36
N ILE B 100 9.59 -20.26 -21.39
CA ILE B 100 10.04 -20.26 -20.02
C ILE B 100 10.40 -21.67 -19.63
N LYS B 101 11.44 -21.82 -18.81
CA LYS B 101 11.79 -23.09 -18.20
C LYS B 101 11.33 -23.06 -16.75
N GLY B 102 10.50 -24.07 -16.40
CA GLY B 102 10.02 -24.23 -15.04
C GLY B 102 11.15 -24.57 -14.06
N SER B 103 10.92 -24.27 -12.77
CA SER B 103 11.83 -24.63 -11.70
C SER B 103 11.70 -26.13 -11.46
N PRO B 104 12.82 -26.89 -11.41
CA PRO B 104 12.73 -28.34 -11.27
C PRO B 104 11.95 -28.72 -10.02
N ARG B 105 11.91 -27.78 -9.06
CA ARG B 105 11.34 -28.04 -7.76
C ARG B 105 10.60 -26.78 -7.32
N ILE B 106 9.32 -26.93 -6.95
CA ILE B 106 8.44 -25.80 -6.73
C ILE B 106 8.08 -25.61 -5.26
N TRP B 107 8.64 -26.42 -4.34
CA TRP B 107 8.61 -26.09 -2.92
C TRP B 107 10.01 -26.14 -2.33
N TYR B 108 10.24 -25.26 -1.35
CA TYR B 108 11.48 -25.19 -0.62
C TYR B 108 12.66 -25.04 -1.58
N PHE B 109 12.55 -24.07 -2.49
CA PHE B 109 13.52 -23.89 -3.57
C PHE B 109 14.46 -22.71 -3.31
N ARG B 110 14.02 -21.72 -2.52
CA ARG B 110 14.85 -20.56 -2.23
C ARG B 110 16.01 -21.00 -1.35
N ASN B 111 17.17 -20.37 -1.58
CA ASN B 111 18.35 -20.62 -0.77
C ASN B 111 18.58 -19.49 0.22
N ILE B 112 17.64 -18.53 0.27
CA ILE B 112 17.73 -17.42 1.20
C ILE B 112 16.34 -16.96 1.62
N SER B 113 16.25 -16.47 2.86
CA SER B 113 15.05 -15.83 3.34
C SER B 113 15.41 -14.75 4.34
N ASN B 114 14.92 -13.52 4.13
CA ASN B 114 15.02 -12.49 5.14
C ASN B 114 13.67 -12.42 5.84
N PHE B 115 13.61 -13.06 7.01
CA PHE B 115 12.48 -12.93 7.90
C PHE B 115 12.61 -11.60 8.63
N ILE B 116 11.58 -10.77 8.54
CA ILE B 116 11.54 -9.57 9.37
C ILE B 116 10.96 -9.98 10.73
N ILE B 117 11.48 -9.36 11.79
CA ILE B 117 11.04 -9.63 13.15
C ILE B 117 10.28 -8.42 13.67
N THR B 118 8.97 -8.56 13.84
CA THR B 118 8.15 -7.45 14.30
C THR B 118 7.47 -7.80 15.60
N VAL B 119 6.97 -6.76 16.27
CA VAL B 119 6.10 -6.90 17.43
C VAL B 119 4.82 -7.64 17.04
N ASN B 120 4.42 -7.59 15.76
CA ASN B 120 3.35 -8.44 15.27
C ASN B 120 3.88 -9.78 14.76
N GLY B 121 5.12 -10.12 15.11
CA GLY B 121 5.67 -11.44 14.79
C GLY B 121 6.51 -11.44 13.52
N ILE B 122 7.00 -12.63 13.19
CA ILE B 122 8.02 -12.80 12.18
C ILE B 122 7.37 -13.13 10.83
N GLY B 123 7.76 -12.40 9.76
CA GLY B 123 7.28 -12.68 8.41
C GLY B 123 8.41 -12.71 7.40
N PHE B 124 8.17 -13.39 6.27
CA PHE B 124 9.05 -13.26 5.11
C PHE B 124 8.94 -11.84 4.58
N LYS B 125 10.07 -11.14 4.50
CA LYS B 125 10.02 -9.77 4.04
C LYS B 125 10.07 -9.79 2.52
N GLU B 126 9.29 -8.87 1.93
CA GLU B 126 9.54 -8.43 0.57
C GLU B 126 9.34 -6.93 0.53
N PHE B 127 10.13 -6.22 -0.29
CA PHE B 127 9.99 -4.79 -0.50
C PHE B 127 8.99 -4.50 -1.63
N GLY B 128 8.02 -3.62 -1.36
CA GLY B 128 6.99 -3.26 -2.31
C GLY B 128 5.59 -3.79 -2.02
N MET B 129 4.56 -3.05 -2.45
CA MET B 129 3.25 -3.19 -1.84
C MET B 129 2.30 -4.24 -2.42
N PRO B 130 2.27 -4.54 -3.73
CA PRO B 130 1.49 -5.73 -4.17
C PRO B 130 2.44 -6.74 -3.57
N LYS B 131 2.04 -7.37 -2.46
CA LYS B 131 2.88 -8.36 -1.78
C LYS B 131 2.56 -9.68 -2.44
N THR B 132 3.54 -10.57 -2.49
CA THR B 132 3.36 -11.81 -3.22
C THR B 132 3.47 -13.02 -2.29
N VAL B 133 4.19 -12.89 -1.17
CA VAL B 133 4.25 -13.93 -0.17
C VAL B 133 3.73 -13.38 1.16
N VAL B 134 2.49 -13.72 1.50
CA VAL B 134 1.77 -13.06 2.59
C VAL B 134 1.71 -13.97 3.81
N ASN B 135 1.89 -15.28 3.60
CA ASN B 135 2.15 -16.16 4.72
C ASN B 135 2.99 -17.36 4.28
N ILE B 136 4.25 -17.38 4.70
CA ILE B 136 5.18 -18.38 4.21
C ILE B 136 4.91 -19.73 4.89
N ARG B 137 4.00 -19.73 5.88
CA ARG B 137 3.60 -20.96 6.54
C ARG B 137 2.65 -21.73 5.64
N GLU B 138 1.85 -21.03 4.84
CA GLU B 138 0.94 -21.72 3.94
C GLU B 138 1.52 -21.80 2.52
N CYS B 139 2.73 -21.31 2.34
CA CYS B 139 3.45 -21.41 1.04
C CYS B 139 4.92 -21.62 1.36
N PRO B 140 5.36 -22.86 1.59
CA PRO B 140 6.73 -23.12 2.02
C PRO B 140 7.77 -23.06 0.90
N ILE B 141 8.11 -21.84 0.47
CA ILE B 141 8.99 -21.62 -0.67
C ILE B 141 10.47 -21.72 -0.29
N PHE B 142 10.79 -21.69 1.03
CA PHE B 142 12.17 -21.62 1.47
C PHE B 142 12.72 -22.99 1.88
N SER B 143 12.29 -23.47 3.05
CA SER B 143 12.97 -24.59 3.66
C SER B 143 12.02 -25.37 4.55
N GLU B 144 12.34 -26.65 4.70
CA GLU B 144 11.68 -27.51 5.66
C GLU B 144 12.19 -27.20 7.07
N ARG B 145 13.22 -26.36 7.21
CA ARG B 145 13.79 -26.04 8.52
C ARG B 145 13.24 -24.69 9.02
N THR B 146 12.49 -23.98 8.17
CA THR B 146 11.89 -22.70 8.53
C THR B 146 11.25 -22.74 9.93
N PRO B 147 10.50 -23.79 10.32
CA PRO B 147 9.91 -23.87 11.65
C PRO B 147 10.96 -23.88 12.76
N LYS B 148 12.09 -24.54 12.46
CA LYS B 148 13.18 -24.66 13.42
C LYS B 148 13.96 -23.34 13.48
N TYR B 149 14.06 -22.63 12.36
CA TYR B 149 14.72 -21.34 12.37
C TYR B 149 13.90 -20.35 13.19
N LEU B 150 12.57 -20.40 13.02
CA LEU B 150 11.66 -19.47 13.68
C LEU B 150 11.63 -19.75 15.19
N LYS B 151 11.54 -21.04 15.55
CA LYS B 151 11.45 -21.40 16.95
C LYS B 151 12.70 -20.91 17.67
N ALA B 152 13.87 -21.16 17.05
CA ALA B 152 15.15 -20.72 17.57
C ALA B 152 15.10 -19.21 17.84
N LEU B 153 14.64 -18.46 16.84
CA LEU B 153 14.67 -17.03 16.97
C LEU B 153 13.79 -16.59 18.13
N LYS B 154 12.58 -17.16 18.23
CA LYS B 154 11.65 -16.81 19.29
C LYS B 154 12.27 -17.12 20.65
N ASP B 155 12.89 -18.31 20.77
CA ASP B 155 13.59 -18.70 21.99
C ASP B 155 14.68 -17.70 22.33
N PHE B 156 15.39 -17.22 21.31
CA PHE B 156 16.50 -16.32 21.55
C PHE B 156 15.94 -14.99 22.06
N LEU B 157 14.83 -14.53 21.49
CA LEU B 157 14.27 -13.25 21.88
C LEU B 157 13.73 -13.36 23.30
N ARG B 158 13.19 -14.50 23.68
CA ARG B 158 12.82 -14.73 25.08
C ARG B 158 14.07 -14.57 25.95
N GLU B 159 15.02 -15.49 25.83
CA GLU B 159 16.19 -15.54 26.70
C GLU B 159 16.90 -14.18 26.73
N SER B 160 17.10 -13.59 25.55
CA SER B 160 17.81 -12.31 25.40
C SER B 160 16.69 -11.31 25.27
N ASN B 161 16.41 -10.55 26.32
CA ASN B 161 15.18 -9.78 26.29
C ASN B 161 15.59 -8.71 25.28
N LEU B 162 14.98 -8.76 24.09
CA LEU B 162 15.39 -7.96 22.95
C LEU B 162 14.12 -7.64 22.19
N LYS B 163 14.00 -6.36 21.81
CA LYS B 163 12.74 -5.82 21.32
C LYS B 163 12.72 -5.94 19.80
N PRO B 164 11.69 -6.60 19.22
CA PRO B 164 11.51 -6.58 17.78
C PRO B 164 11.25 -5.19 17.21
N TRP B 165 11.29 -5.12 15.87
CA TRP B 165 10.94 -3.94 15.11
C TRP B 165 9.48 -3.58 15.37
N ASN B 166 9.24 -2.44 16.04
CA ASN B 166 7.88 -1.95 16.24
C ASN B 166 7.54 -0.96 15.13
N TRP B 167 8.29 -1.01 14.03
CA TRP B 167 8.09 -0.17 12.86
C TRP B 167 8.71 1.22 12.95
N ARG B 168 9.15 1.66 14.13
CA ARG B 168 9.95 2.86 14.24
C ARG B 168 11.33 2.59 14.86
N GLU B 169 11.41 1.57 15.73
CA GLU B 169 12.67 1.19 16.35
C GLU B 169 12.58 -0.23 16.91
N GLY B 170 13.69 -0.74 17.43
CA GLY B 170 13.79 -2.12 17.89
C GLY B 170 15.25 -2.57 17.87
N ASP B 171 15.58 -3.52 18.76
CA ASP B 171 16.94 -4.00 18.91
C ASP B 171 17.27 -4.86 17.69
N VAL B 172 16.42 -5.85 17.41
CA VAL B 172 16.60 -6.73 16.26
C VAL B 172 15.61 -6.36 15.17
N HIS B 173 15.92 -6.72 13.91
CA HIS B 173 15.11 -6.30 12.79
C HIS B 173 14.86 -7.45 11.82
N TYR B 174 15.91 -8.15 11.41
CA TYR B 174 15.71 -9.30 10.53
C TYR B 174 16.52 -10.51 10.98
N LEU B 175 15.92 -11.69 10.79
CA LEU B 175 16.66 -12.93 10.72
C LEU B 175 16.82 -13.29 9.25
N GLN B 176 18.08 -13.25 8.78
CA GLN B 176 18.46 -13.73 7.45
C GLN B 176 19.05 -15.13 7.60
N VAL B 177 18.47 -16.08 6.89
CA VAL B 177 18.99 -17.43 6.75
C VAL B 177 19.34 -17.71 5.29
N ARG B 178 20.49 -18.37 5.09
CA ARG B 178 20.86 -18.91 3.79
C ARG B 178 21.28 -20.37 3.90
N GLU B 179 20.93 -21.13 2.86
CA GLU B 179 21.17 -22.55 2.81
C GLU B 179 21.96 -22.85 1.54
N GLY B 180 22.81 -23.86 1.62
CA GLY B 180 23.28 -24.54 0.43
C GLY B 180 22.39 -25.75 0.18
N LYS B 181 21.58 -25.68 -0.88
CA LYS B 181 20.65 -26.76 -1.13
C LYS B 181 21.36 -28.09 -1.35
N PHE B 182 22.57 -28.08 -1.93
CA PHE B 182 23.23 -29.33 -2.28
C PHE B 182 24.45 -29.58 -1.38
N THR B 183 24.51 -28.97 -0.20
CA THR B 183 25.61 -29.23 0.70
C THR B 183 25.09 -29.38 2.13
N GLY B 184 23.88 -28.88 2.40
CA GLY B 184 23.30 -29.01 3.72
C GLY B 184 23.67 -27.85 4.64
N GLU B 185 24.63 -27.00 4.22
CA GLU B 185 25.17 -25.98 5.09
C GLU B 185 24.14 -24.86 5.30
N VAL B 186 24.20 -24.24 6.49
CA VAL B 186 23.21 -23.27 6.94
C VAL B 186 23.93 -22.09 7.57
N MET B 187 23.57 -20.87 7.12
CA MET B 187 24.11 -19.64 7.65
C MET B 187 22.96 -18.83 8.20
N VAL B 188 23.21 -18.23 9.37
CA VAL B 188 22.23 -17.46 10.12
C VAL B 188 22.85 -16.08 10.34
N ASN B 189 22.10 -15.05 9.98
CA ASN B 189 22.60 -13.70 10.06
C ASN B 189 21.51 -12.85 10.70
N ILE B 190 21.68 -12.52 11.98
CA ILE B 190 20.78 -11.59 12.65
C ILE B 190 21.15 -10.19 12.19
N ILE B 191 20.15 -9.38 11.87
CA ILE B 191 20.41 -8.00 11.50
C ILE B 191 19.79 -7.06 12.53
N ALA B 192 20.66 -6.30 13.22
CA ALA B 192 20.30 -5.63 14.46
C ALA B 192 20.69 -4.16 14.45
N HIS B 193 20.06 -3.44 15.38
CA HIS B 193 20.30 -2.03 15.62
C HIS B 193 21.03 -1.87 16.96
N VAL B 194 21.52 -2.96 17.58
CA VAL B 194 22.37 -2.85 18.76
C VAL B 194 23.54 -3.82 18.62
N PRO B 195 24.59 -3.71 19.48
CA PRO B 195 25.68 -4.69 19.48
C PRO B 195 25.19 -6.01 20.07
N LEU B 196 25.94 -7.10 19.86
CA LEU B 196 25.52 -8.36 20.44
C LEU B 196 25.98 -8.43 21.89
N ASN B 197 25.06 -8.73 22.82
CA ASN B 197 25.43 -8.97 24.22
C ASN B 197 25.22 -10.44 24.60
N TYR B 198 24.25 -11.12 23.96
CA TYR B 198 23.85 -12.46 24.36
C TYR B 198 24.48 -13.50 23.43
N ARG B 199 25.81 -13.44 23.36
CA ARG B 199 26.63 -14.37 22.59
C ARG B 199 26.15 -15.80 22.87
N GLU B 200 26.06 -16.14 24.15
CA GLU B 200 25.83 -17.52 24.56
C GLU B 200 24.41 -17.95 24.18
N ALA B 201 23.43 -17.05 24.36
CA ALA B 201 22.04 -17.38 24.13
C ALA B 201 21.78 -17.61 22.64
N LEU B 202 22.43 -16.80 21.79
CA LEU B 202 22.27 -16.88 20.35
C LEU B 202 22.92 -18.15 19.83
N MET B 203 24.18 -18.40 20.25
CA MET B 203 24.95 -19.58 19.84
C MET B 203 24.18 -20.83 20.19
N GLU B 204 23.56 -20.81 21.37
CA GLU B 204 22.79 -21.93 21.87
C GLU B 204 21.57 -22.13 20.95
N ALA B 205 20.81 -21.05 20.69
CA ALA B 205 19.58 -21.15 19.92
C ALA B 205 19.84 -21.65 18.51
N PHE B 206 20.96 -21.28 17.91
CA PHE B 206 21.26 -21.62 16.53
C PHE B 206 22.44 -22.57 16.48
N ASN B 207 22.54 -23.50 17.44
CA ASN B 207 23.72 -24.33 17.58
C ASN B 207 23.86 -25.24 16.36
N PHE B 208 22.76 -25.49 15.68
CA PHE B 208 22.74 -26.30 14.47
C PHE B 208 23.32 -25.56 13.26
N ALA B 209 23.34 -24.22 13.23
CA ALA B 209 23.87 -23.52 12.05
C ALA B 209 25.38 -23.74 11.91
N ASP B 210 25.86 -23.79 10.67
CA ASP B 210 27.29 -23.88 10.39
C ASP B 210 27.96 -22.52 10.56
N SER B 211 27.17 -21.44 10.44
CA SER B 211 27.67 -20.08 10.50
C SER B 211 26.64 -19.17 11.16
N ILE B 212 27.08 -18.41 12.16
CA ILE B 212 26.22 -17.44 12.80
C ILE B 212 26.89 -16.08 12.66
N TYR B 213 26.13 -15.10 12.17
CA TYR B 213 26.60 -13.73 12.06
C TYR B 213 25.67 -12.80 12.83
N TRP B 214 26.22 -11.66 13.20
CA TRP B 214 25.47 -10.56 13.76
C TRP B 214 25.88 -9.31 12.98
N SER B 215 24.91 -8.70 12.30
CA SER B 215 25.16 -7.54 11.48
C SER B 215 24.56 -6.32 12.16
N LEU B 216 25.39 -5.29 12.40
CA LEU B 216 24.95 -4.05 13.00
C LEU B 216 24.59 -3.02 11.92
N LYS B 217 23.36 -2.51 11.98
CA LYS B 217 22.92 -1.49 11.03
C LYS B 217 23.26 -0.12 11.60
N ALA B 218 23.88 0.74 10.77
CA ALA B 218 24.43 2.02 11.19
C ALA B 218 23.46 3.17 10.91
N ASP B 219 22.39 2.90 10.14
CA ASP B 219 21.29 3.82 9.92
C ASP B 219 19.99 3.06 10.18
N LYS B 220 19.20 3.50 11.17
CA LYS B 220 17.91 2.87 11.45
C LYS B 220 17.05 2.97 10.21
N LYS B 221 16.77 1.82 9.56
CA LYS B 221 15.82 1.76 8.45
C LYS B 221 15.46 0.32 8.10
N ASP B 222 14.41 0.19 7.25
CA ASP B 222 13.93 -1.04 6.63
C ASP B 222 14.76 -1.35 5.38
N ASP B 223 16.05 -1.73 5.54
CA ASP B 223 16.87 -2.32 4.48
C ASP B 223 17.97 -3.23 5.06
N PRO B 224 18.22 -4.45 4.48
CA PRO B 224 18.88 -5.55 5.19
C PRO B 224 20.39 -5.71 4.95
N ARG B 225 21.20 -4.96 5.72
CA ARG B 225 22.66 -4.91 5.57
C ARG B 225 23.29 -4.43 6.89
N GLY B 226 24.60 -4.64 7.04
CA GLY B 226 25.35 -4.00 8.12
C GLY B 226 26.85 -4.19 7.95
N PHE B 227 27.60 -4.13 9.07
CA PHE B 227 28.98 -4.60 9.14
C PHE B 227 29.00 -5.92 9.93
N PRO B 228 29.05 -7.10 9.25
CA PRO B 228 28.78 -8.38 9.91
C PRO B 228 29.91 -8.85 10.82
N THR B 229 29.53 -9.60 11.85
CA THR B 229 30.49 -10.16 12.79
C THR B 229 30.22 -11.65 12.95
N LEU B 230 31.22 -12.45 12.59
CA LEU B 230 31.15 -13.88 12.82
C LEU B 230 31.03 -14.09 14.32
N VAL B 231 30.02 -14.85 14.73
CA VAL B 231 29.82 -15.13 16.14
C VAL B 231 30.35 -16.53 16.44
N LEU B 232 30.08 -17.46 15.53
CA LEU B 232 30.50 -18.85 15.69
C LEU B 232 30.48 -19.53 14.32
N GLY B 233 31.44 -20.45 14.12
CA GLY B 233 31.44 -21.34 12.97
C GLY B 233 32.18 -20.76 11.76
N ASN B 234 31.86 -21.26 10.58
CA ASN B 234 32.62 -20.88 9.40
C ASN B 234 32.25 -19.48 8.95
N GLU B 235 33.24 -18.83 8.34
CA GLU B 235 33.11 -17.52 7.75
C GLU B 235 32.11 -17.53 6.58
N VAL B 236 32.06 -18.65 5.85
CA VAL B 236 31.19 -18.75 4.69
C VAL B 236 30.45 -20.09 4.73
N ILE B 237 29.46 -20.23 3.85
CA ILE B 237 28.87 -21.52 3.53
C ILE B 237 29.03 -21.79 2.04
N ARG B 238 28.85 -23.06 1.67
CA ARG B 238 29.13 -23.56 0.34
C ARG B 238 27.83 -23.96 -0.33
N GLU B 239 27.61 -23.54 -1.57
CA GLU B 239 26.54 -24.09 -2.41
C GLU B 239 27.21 -24.76 -3.58
N LYS B 240 26.59 -25.83 -4.12
CA LYS B 240 27.20 -26.61 -5.19
C LYS B 240 26.22 -26.78 -6.34
N VAL B 241 26.57 -26.23 -7.51
CA VAL B 241 25.73 -26.27 -8.69
C VAL B 241 26.58 -26.53 -9.93
N GLU B 242 26.12 -27.45 -10.79
CA GLU B 242 26.89 -27.94 -11.93
C GLU B 242 28.34 -28.24 -11.52
N GLY B 243 28.49 -28.88 -10.35
CA GLY B 243 29.78 -29.33 -9.85
C GLY B 243 30.75 -28.20 -9.52
N ILE B 244 30.23 -26.98 -9.32
CA ILE B 244 31.06 -25.85 -8.95
C ILE B 244 30.68 -25.41 -7.54
N THR B 245 31.68 -25.36 -6.66
CA THR B 245 31.47 -24.86 -5.31
C THR B 245 31.57 -23.34 -5.26
N TYR B 246 30.47 -22.72 -4.84
CA TYR B 246 30.35 -21.28 -4.73
C TYR B 246 30.42 -20.91 -3.25
N LEU B 247 30.96 -19.74 -2.92
CA LEU B 247 31.02 -19.34 -1.52
C LEU B 247 30.06 -18.19 -1.24
N ILE B 248 29.39 -18.29 -0.09
CA ILE B 248 28.31 -17.40 0.28
C ILE B 248 28.63 -16.73 1.61
N HIS B 249 28.55 -15.40 1.57
CA HIS B 249 28.92 -14.53 2.68
C HIS B 249 27.69 -13.70 3.02
N PRO B 250 27.47 -13.27 4.28
CA PRO B 250 26.30 -12.45 4.61
C PRO B 250 26.26 -11.19 3.77
N SER B 251 27.41 -10.73 3.28
CA SER B 251 27.48 -9.44 2.61
C SER B 251 27.22 -9.54 1.09
N VAL B 252 26.93 -10.71 0.52
CA VAL B 252 26.87 -10.83 -0.93
C VAL B 252 25.47 -11.19 -1.40
N PHE B 253 25.20 -10.99 -2.70
CA PHE B 253 24.01 -11.52 -3.36
C PHE B 253 24.36 -12.80 -4.12
N PHE B 254 23.43 -13.75 -4.12
CA PHE B 254 23.58 -14.96 -4.89
C PHE B 254 22.20 -15.32 -5.45
N GLN B 255 22.20 -15.89 -6.66
CA GLN B 255 20.98 -16.25 -7.34
C GLN B 255 20.16 -17.11 -6.37
N THR B 256 18.85 -16.91 -6.41
CA THR B 256 17.97 -17.16 -5.28
C THR B 256 17.51 -18.62 -5.21
N ASN B 257 17.50 -19.27 -6.37
CA ASN B 257 16.87 -20.56 -6.55
C ASN B 257 17.95 -21.51 -7.05
N SER B 258 18.47 -22.29 -6.11
CA SER B 258 19.60 -23.17 -6.39
C SER B 258 19.18 -24.28 -7.34
N TYR B 259 17.88 -24.52 -7.49
CA TYR B 259 17.37 -25.62 -8.30
C TYR B 259 17.19 -25.20 -9.75
N ALA B 260 16.72 -23.97 -9.98
CA ALA B 260 16.53 -23.47 -11.33
C ALA B 260 17.82 -22.87 -11.91
N LEU B 261 18.82 -22.60 -11.06
CA LEU B 261 20.04 -21.92 -11.47
C LEU B 261 20.77 -22.64 -12.62
N PRO B 262 20.80 -23.98 -12.71
CA PRO B 262 21.44 -24.60 -13.85
C PRO B 262 20.77 -24.17 -15.16
N LEU B 263 19.46 -23.89 -15.10
CA LEU B 263 18.73 -23.54 -16.31
C LEU B 263 19.10 -22.12 -16.74
N LEU B 264 19.41 -21.26 -15.77
CA LEU B 264 19.90 -19.93 -16.08
C LEU B 264 21.31 -20.03 -16.66
N LEU B 265 22.14 -20.94 -16.11
CA LEU B 265 23.55 -21.03 -16.51
C LEU B 265 23.68 -21.53 -17.95
N LYS B 266 22.85 -22.52 -18.32
CA LYS B 266 22.90 -23.13 -19.63
C LYS B 266 22.26 -22.22 -20.67
N SER B 267 21.29 -21.39 -20.25
CA SER B 267 20.70 -20.37 -21.11
C SER B 267 21.76 -19.39 -21.59
N VAL B 268 22.54 -18.88 -20.65
CA VAL B 268 23.52 -17.84 -20.92
C VAL B 268 24.58 -18.43 -21.83
N GLU B 269 24.95 -19.70 -21.56
CA GLU B 269 25.94 -20.42 -22.33
C GLU B 269 25.44 -20.60 -23.77
N LYS B 270 24.20 -21.07 -23.92
CA LYS B 270 23.64 -21.26 -25.23
C LYS B 270 23.72 -19.97 -26.07
N PHE B 271 23.66 -18.80 -25.42
CA PHE B 271 23.58 -17.55 -26.14
C PHE B 271 24.97 -16.96 -26.39
N CYS B 272 26.00 -17.48 -25.71
CA CYS B 272 27.36 -16.98 -25.85
C CYS B 272 27.84 -17.18 -27.28
N GLU B 273 28.84 -16.36 -27.66
CA GLU B 273 29.37 -16.29 -29.02
C GLU B 273 30.84 -15.90 -28.97
N GLY B 274 31.70 -16.75 -29.53
CA GLY B 274 33.13 -16.54 -29.42
C GLY B 274 33.61 -17.20 -28.15
N SER B 275 34.85 -16.90 -27.71
CA SER B 275 35.41 -17.51 -26.52
C SER B 275 35.64 -16.47 -25.41
N LYS B 276 35.85 -15.20 -25.76
CA LYS B 276 36.20 -14.18 -24.79
C LYS B 276 34.94 -13.51 -24.26
N VAL B 277 34.59 -13.79 -23.00
CA VAL B 277 33.36 -13.32 -22.40
C VAL B 277 33.69 -12.28 -21.31
N LEU B 278 33.00 -11.13 -21.33
CA LEU B 278 33.10 -10.14 -20.25
C LEU B 278 31.79 -10.14 -19.47
N ASP B 279 31.88 -10.47 -18.16
CA ASP B 279 30.72 -10.62 -17.32
C ASP B 279 30.67 -9.48 -16.32
N LEU B 280 30.01 -8.38 -16.71
CA LEU B 280 29.87 -7.23 -15.84
C LEU B 280 28.78 -7.51 -14.81
N TYR B 281 28.89 -6.89 -13.63
CA TYR B 281 28.03 -7.23 -12.50
C TYR B 281 28.23 -8.72 -12.18
N SER B 282 29.50 -9.14 -12.01
CA SER B 282 29.85 -10.55 -12.02
C SER B 282 29.34 -11.28 -10.76
N GLY B 283 29.13 -10.55 -9.65
CA GLY B 283 28.70 -11.14 -8.39
C GLY B 283 29.77 -12.01 -7.71
N ILE B 284 29.33 -13.11 -7.06
CA ILE B 284 30.24 -14.05 -6.42
C ILE B 284 30.77 -15.07 -7.44
N GLY B 285 30.53 -14.78 -8.74
CA GLY B 285 31.15 -15.47 -9.86
C GLY B 285 30.23 -16.49 -10.54
N THR B 286 28.92 -16.37 -10.27
CA THR B 286 27.96 -17.41 -10.60
C THR B 286 28.04 -17.79 -12.07
N LEU B 287 27.90 -16.79 -12.96
CA LEU B 287 27.95 -16.99 -14.40
C LEU B 287 29.38 -17.25 -14.88
N SER B 288 30.30 -16.42 -14.41
CA SER B 288 31.69 -16.41 -14.86
C SER B 288 32.31 -17.79 -14.68
N LEU B 289 32.22 -18.32 -13.46
CA LEU B 289 32.87 -19.59 -13.16
C LEU B 289 32.27 -20.69 -14.02
N TYR B 290 30.94 -20.64 -14.23
CA TYR B 290 30.27 -21.70 -14.96
C TYR B 290 30.82 -21.71 -16.38
N LEU B 291 30.87 -20.52 -17.00
CA LEU B 291 31.31 -20.38 -18.38
C LEU B 291 32.78 -20.78 -18.48
N ALA B 292 33.62 -20.19 -17.62
CA ALA B 292 35.06 -20.39 -17.71
C ALA B 292 35.39 -21.87 -17.59
N LYS B 293 34.68 -22.58 -16.69
CA LYS B 293 34.85 -24.00 -16.48
C LYS B 293 34.59 -24.78 -17.76
N ARG B 294 33.73 -24.24 -18.63
CA ARG B 294 33.37 -24.85 -19.90
C ARG B 294 34.28 -24.37 -21.03
N GLY B 295 35.38 -23.68 -20.69
CA GLY B 295 36.43 -23.42 -21.67
C GLY B 295 36.41 -21.98 -22.20
N PHE B 296 35.39 -21.18 -21.86
CA PHE B 296 35.38 -19.77 -22.23
C PHE B 296 36.46 -19.02 -21.45
N GLU B 297 37.01 -18.00 -22.10
CA GLU B 297 37.89 -17.04 -21.44
C GLU B 297 37.05 -15.95 -20.79
N VAL B 298 37.11 -15.85 -19.46
CA VAL B 298 36.08 -15.11 -18.75
C VAL B 298 36.71 -14.10 -17.81
N THR B 299 36.45 -12.82 -18.08
CA THR B 299 36.74 -11.73 -17.18
C THR B 299 35.42 -11.23 -16.57
N GLY B 300 35.37 -11.16 -15.23
CA GLY B 300 34.21 -10.66 -14.50
C GLY B 300 34.55 -9.40 -13.70
N VAL B 301 33.60 -8.45 -13.68
CA VAL B 301 33.78 -7.18 -12.97
C VAL B 301 32.61 -6.99 -12.01
N GLU B 302 32.93 -6.77 -10.73
CA GLU B 302 31.93 -6.60 -9.69
C GLU B 302 32.37 -5.50 -8.73
N VAL B 303 31.43 -4.65 -8.30
CA VAL B 303 31.80 -3.52 -7.47
C VAL B 303 32.05 -4.00 -6.04
N ASN B 304 31.22 -4.95 -5.58
CA ASN B 304 31.26 -5.43 -4.20
C ASN B 304 32.54 -6.23 -4.00
N GLY B 305 33.40 -5.75 -3.09
CA GLY B 305 34.71 -6.33 -2.84
C GLY B 305 34.64 -7.75 -2.24
N THR B 306 33.72 -7.93 -1.29
CA THR B 306 33.45 -9.21 -0.66
C THR B 306 33.02 -10.25 -1.69
N SER B 307 32.17 -9.83 -2.64
CA SER B 307 31.74 -10.71 -3.71
C SER B 307 32.93 -11.12 -4.56
N VAL B 308 33.82 -10.17 -4.85
CA VAL B 308 34.93 -10.43 -5.77
C VAL B 308 35.87 -11.45 -5.14
N GLU B 309 36.09 -11.33 -3.83
CA GLU B 309 36.91 -12.28 -3.09
C GLU B 309 36.32 -13.68 -3.17
N MET B 310 35.00 -13.78 -2.92
CA MET B 310 34.27 -15.04 -3.01
C MET B 310 34.50 -15.69 -4.37
N ALA B 311 34.45 -14.89 -5.45
CA ALA B 311 34.62 -15.43 -6.79
C ALA B 311 36.04 -15.97 -7.00
N LYS B 312 37.04 -15.20 -6.54
CA LYS B 312 38.44 -15.58 -6.67
C LYS B 312 38.71 -16.90 -5.95
N ARG B 313 38.16 -17.03 -4.73
CA ARG B 313 38.35 -18.20 -3.88
C ARG B 313 37.67 -19.42 -4.51
N SER B 314 36.46 -19.21 -5.04
CA SER B 314 35.72 -20.27 -5.72
C SER B 314 36.58 -20.83 -6.86
N ALA B 315 37.20 -19.91 -7.60
CA ALA B 315 37.98 -20.29 -8.77
C ALA B 315 39.10 -21.23 -8.33
N GLU B 316 39.75 -20.87 -7.22
CA GLU B 316 40.87 -21.66 -6.69
C GLU B 316 40.38 -23.03 -6.21
N ILE B 317 39.34 -23.04 -5.38
CA ILE B 317 38.76 -24.27 -4.88
C ILE B 317 38.44 -25.20 -6.04
N ASN B 318 37.89 -24.64 -7.13
CA ASN B 318 37.32 -25.44 -8.20
C ASN B 318 38.32 -25.66 -9.32
N SER B 319 39.51 -25.06 -9.21
CA SER B 319 40.48 -25.11 -10.31
C SER B 319 39.85 -24.57 -11.59
N ILE B 320 39.40 -23.31 -11.56
CA ILE B 320 38.85 -22.65 -12.73
C ILE B 320 39.77 -21.48 -13.08
N ASN B 321 39.99 -21.30 -14.39
CA ASN B 321 40.83 -20.23 -14.91
C ASN B 321 39.93 -19.06 -15.28
N ALA B 322 39.84 -18.04 -14.43
CA ALA B 322 38.99 -16.89 -14.72
C ALA B 322 39.44 -15.71 -13.88
N THR B 323 39.22 -14.51 -14.41
CA THR B 323 39.80 -13.33 -13.81
C THR B 323 38.70 -12.46 -13.24
N PHE B 324 38.98 -11.82 -12.11
CA PHE B 324 37.97 -11.06 -11.41
C PHE B 324 38.56 -9.73 -11.00
N ILE B 325 37.80 -8.65 -11.26
CA ILE B 325 38.29 -7.30 -11.07
C ILE B 325 37.29 -6.49 -10.24
N GLN B 326 37.84 -5.74 -9.29
CA GLN B 326 37.03 -5.11 -8.27
C GLN B 326 36.79 -3.71 -8.78
N GLY B 327 35.65 -3.50 -9.46
CA GLY B 327 35.42 -2.26 -10.16
C GLY B 327 33.94 -2.06 -10.49
N LYS B 328 33.64 -0.92 -11.11
CA LYS B 328 32.27 -0.61 -11.49
C LYS B 328 32.15 -1.00 -12.95
N ALA B 329 30.98 -1.54 -13.32
CA ALA B 329 30.75 -2.04 -14.66
C ALA B 329 30.85 -0.88 -15.65
N GLU B 330 30.44 0.31 -15.20
CA GLU B 330 30.42 1.55 -15.97
C GLU B 330 31.81 1.85 -16.51
N ASP B 331 32.85 1.38 -15.79
CA ASP B 331 34.21 1.79 -16.08
C ASP B 331 35.02 0.68 -16.74
N ALA B 332 34.42 -0.46 -17.09
CA ALA B 332 35.21 -1.54 -17.70
C ALA B 332 35.40 -1.27 -19.19
N GLU B 333 36.59 -1.64 -19.72
CA GLU B 333 36.86 -1.50 -21.14
C GLU B 333 36.23 -2.68 -21.87
N LEU B 334 35.49 -2.38 -22.94
CA LEU B 334 34.63 -3.35 -23.59
C LEU B 334 35.27 -3.86 -24.88
N GLU B 335 36.44 -3.32 -25.22
CA GLU B 335 37.20 -3.78 -26.37
C GLU B 335 37.69 -5.21 -26.12
N GLY B 336 38.02 -5.91 -27.21
CA GLY B 336 38.80 -7.15 -27.17
C GLY B 336 37.98 -8.38 -26.78
N TYR B 337 36.64 -8.28 -26.77
CA TYR B 337 35.78 -9.38 -26.35
C TYR B 337 34.76 -9.68 -27.44
N GLU B 338 34.21 -10.90 -27.38
CA GLU B 338 33.26 -11.39 -28.37
C GLU B 338 31.82 -11.38 -27.81
N THR B 339 31.68 -11.66 -26.50
CA THR B 339 30.39 -11.63 -25.83
C THR B 339 30.49 -10.75 -24.58
N LEU B 340 29.42 -9.97 -24.34
CA LEU B 340 29.25 -9.17 -23.14
C LEU B 340 27.97 -9.60 -22.42
N ILE B 341 28.09 -9.89 -21.13
CA ILE B 341 26.93 -10.18 -20.31
C ILE B 341 26.76 -9.03 -19.33
N VAL B 342 25.51 -8.60 -19.16
CA VAL B 342 25.17 -7.67 -18.10
C VAL B 342 24.02 -8.25 -17.30
N ASP B 343 24.08 -7.99 -15.98
CA ASP B 343 23.12 -8.44 -14.99
C ASP B 343 22.85 -7.26 -14.05
N PRO B 344 22.35 -6.12 -14.57
CA PRO B 344 22.38 -4.87 -13.82
C PRO B 344 21.45 -4.95 -12.61
N PRO B 345 21.59 -4.01 -11.66
CA PRO B 345 20.72 -3.98 -10.48
C PRO B 345 19.37 -3.41 -10.91
N ARG B 346 18.49 -3.11 -9.94
CA ARG B 346 17.10 -2.74 -10.17
C ARG B 346 16.97 -1.57 -11.14
N LYS B 347 17.91 -0.61 -11.05
CA LYS B 347 17.88 0.65 -11.77
C LYS B 347 18.16 0.45 -13.28
N GLY B 348 18.71 -0.73 -13.63
CA GLY B 348 19.04 -1.04 -15.01
C GLY B 348 20.41 -0.48 -15.39
N LEU B 349 20.69 -0.45 -16.70
CA LEU B 349 21.94 0.09 -17.20
C LEU B 349 21.95 1.61 -17.05
N LYS B 350 20.78 2.21 -17.23
CA LYS B 350 20.65 3.66 -17.35
C LYS B 350 21.59 4.14 -18.47
N GLU B 351 22.49 5.06 -18.14
CA GLU B 351 23.17 5.82 -19.18
C GLU B 351 24.42 5.09 -19.65
N PHE B 352 24.75 3.98 -18.97
CA PHE B 352 25.87 3.12 -19.37
C PHE B 352 25.60 2.55 -20.76
N SER B 353 24.32 2.54 -21.17
CA SER B 353 23.89 2.01 -22.46
C SER B 353 24.53 2.76 -23.63
N ARG B 354 24.83 4.06 -23.47
CA ARG B 354 25.44 4.84 -24.54
C ARG B 354 26.88 4.37 -24.77
N ARG B 355 27.54 3.96 -23.68
CA ARG B 355 28.88 3.42 -23.74
C ARG B 355 28.84 2.05 -24.45
N ILE B 356 27.81 1.25 -24.17
CA ILE B 356 27.66 -0.06 -24.77
C ILE B 356 27.25 0.09 -26.23
N VAL B 357 26.46 1.12 -26.52
CA VAL B 357 26.09 1.41 -27.90
C VAL B 357 27.37 1.62 -28.72
N LYS B 358 28.35 2.37 -28.21
CA LYS B 358 29.56 2.74 -28.94
C LYS B 358 30.61 1.63 -28.92
N LYS B 359 30.98 1.15 -27.72
CA LYS B 359 32.17 0.33 -27.53
C LYS B 359 31.84 -1.16 -27.33
N GLY B 360 30.55 -1.50 -27.14
CA GLY B 360 30.16 -2.86 -26.78
C GLY B 360 30.55 -3.88 -27.85
N PRO B 361 30.73 -5.18 -27.52
CA PRO B 361 30.99 -6.21 -28.53
C PRO B 361 29.74 -6.64 -29.31
N ASN B 362 29.88 -7.70 -30.14
CA ASN B 362 28.86 -8.10 -31.11
C ASN B 362 27.68 -8.79 -30.44
N THR B 363 27.96 -9.70 -29.50
CA THR B 363 26.91 -10.40 -28.79
C THR B 363 26.78 -9.79 -27.40
N LEU B 364 25.61 -9.24 -27.10
CA LEU B 364 25.31 -8.71 -25.78
C LEU B 364 24.21 -9.58 -25.19
N ILE B 365 24.43 -10.08 -23.98
CA ILE B 365 23.44 -10.85 -23.23
C ILE B 365 23.01 -10.02 -22.02
N TYR B 366 21.70 -9.82 -21.86
CA TYR B 366 21.19 -9.01 -20.77
C TYR B 366 20.33 -9.90 -19.88
N VAL B 367 20.71 -9.98 -18.59
CA VAL B 367 20.00 -10.75 -17.57
C VAL B 367 19.27 -9.80 -16.62
N SER B 368 17.93 -9.95 -16.61
CA SER B 368 17.04 -9.04 -15.92
C SER B 368 15.97 -9.84 -15.20
N CYS B 369 15.79 -9.59 -13.90
CA CYS B 369 14.60 -10.05 -13.20
C CYS B 369 13.51 -8.97 -13.32
N ASN B 370 13.65 -8.01 -14.23
CA ASN B 370 12.74 -6.87 -14.29
C ASN B 370 12.56 -6.39 -15.73
N PRO B 371 11.62 -7.00 -16.48
CA PRO B 371 11.49 -6.76 -17.92
C PRO B 371 11.11 -5.34 -18.32
N LEU B 372 10.36 -4.67 -17.46
CA LEU B 372 9.93 -3.32 -17.77
C LEU B 372 11.14 -2.41 -17.92
N ARG B 373 12.13 -2.59 -17.02
CA ARG B 373 13.35 -1.80 -17.05
C ARG B 373 14.22 -2.21 -18.23
N PHE B 374 14.22 -3.51 -18.57
CA PHE B 374 15.00 -3.98 -19.71
C PHE B 374 14.55 -3.29 -20.99
N ILE B 375 13.24 -3.35 -21.26
CA ILE B 375 12.71 -2.88 -22.53
C ILE B 375 12.94 -1.37 -22.64
N LEU B 376 12.90 -0.67 -21.50
CA LEU B 376 13.17 0.77 -21.49
C LEU B 376 14.64 1.06 -21.82
N ASP B 377 15.56 0.24 -21.29
CA ASP B 377 16.96 0.35 -21.65
C ASP B 377 17.14 0.10 -23.16
N TYR B 378 16.38 -0.87 -23.69
CA TYR B 378 16.47 -1.27 -25.09
C TYR B 378 15.94 -0.16 -25.99
N ARG B 379 14.71 0.30 -25.71
CA ARG B 379 14.06 1.33 -26.52
C ARG B 379 14.89 2.61 -26.47
N ASN B 380 15.39 2.95 -25.28
CA ASN B 380 15.98 4.27 -25.06
C ASN B 380 17.43 4.33 -25.52
N TYR B 381 18.14 3.21 -25.61
CA TYR B 381 19.56 3.26 -25.94
C TYR B 381 19.99 2.13 -26.85
N LEU B 382 19.85 0.88 -26.38
CA LEU B 382 20.52 -0.27 -26.98
C LEU B 382 20.08 -0.50 -28.43
N SER B 383 18.83 -0.14 -28.76
CA SER B 383 18.25 -0.49 -30.05
C SER B 383 18.96 0.26 -31.18
N GLU B 384 19.53 1.44 -30.88
CA GLU B 384 20.41 2.12 -31.81
C GLU B 384 21.38 1.15 -32.48
N ALA B 385 22.03 0.32 -31.66
CA ALA B 385 23.13 -0.52 -32.10
C ALA B 385 22.69 -1.99 -32.17
N TYR B 386 21.71 -2.37 -31.34
CA TYR B 386 21.46 -3.78 -31.12
C TYR B 386 20.02 -4.13 -31.53
N LYS B 387 19.84 -5.43 -31.77
CA LYS B 387 18.55 -6.03 -32.01
C LYS B 387 18.48 -7.32 -31.18
N VAL B 388 17.27 -7.65 -30.70
CA VAL B 388 17.02 -8.88 -29.97
C VAL B 388 17.11 -10.04 -30.95
N ASP B 389 17.81 -11.11 -30.54
CA ASP B 389 18.11 -12.24 -31.40
C ASP B 389 17.45 -13.48 -30.82
N ASP B 390 17.35 -13.50 -29.48
CA ASP B 390 16.83 -14.63 -28.75
C ASP B 390 16.52 -14.18 -27.33
N ALA B 391 15.84 -15.06 -26.58
CA ALA B 391 15.38 -14.76 -25.22
C ALA B 391 14.84 -16.04 -24.57
N LEU B 392 15.15 -16.22 -23.29
CA LEU B 392 14.58 -17.31 -22.52
C LEU B 392 14.11 -16.80 -21.17
N LEU B 393 13.07 -17.44 -20.62
CA LEU B 393 12.67 -17.14 -19.25
C LEU B 393 13.01 -18.34 -18.36
N ILE B 394 13.42 -18.06 -17.11
CA ILE B 394 13.57 -19.08 -16.08
C ILE B 394 12.67 -18.69 -14.90
N ASP B 395 11.85 -19.64 -14.45
CA ASP B 395 11.00 -19.41 -13.31
C ASP B 395 11.81 -19.67 -12.05
N MET B 396 12.43 -18.61 -11.53
CA MET B 396 13.19 -18.70 -10.30
C MET B 396 12.27 -18.46 -9.09
N PHE B 397 11.08 -17.90 -9.28
CA PHE B 397 10.21 -17.54 -8.17
CA PHE B 397 10.23 -17.60 -8.12
C PHE B 397 8.81 -18.11 -8.39
N PRO B 398 8.62 -19.45 -8.38
CA PRO B 398 7.28 -20.04 -8.41
C PRO B 398 6.27 -19.46 -7.42
N HIS B 399 4.99 -19.62 -7.77
CA HIS B 399 3.87 -19.21 -6.94
C HIS B 399 3.75 -17.69 -6.84
N THR B 400 4.65 -16.96 -7.51
CA THR B 400 4.59 -15.50 -7.51
C THR B 400 4.80 -15.02 -8.94
N PRO B 401 4.36 -13.80 -9.30
CA PRO B 401 4.48 -13.30 -10.68
C PRO B 401 5.85 -12.78 -11.13
N HIS B 402 6.91 -12.99 -10.35
CA HIS B 402 8.23 -12.47 -10.70
C HIS B 402 8.78 -13.30 -11.86
N ILE B 403 9.56 -12.65 -12.73
CA ILE B 403 10.14 -13.28 -13.91
C ILE B 403 11.65 -13.00 -13.96
N GLU B 404 12.41 -14.00 -14.42
CA GLU B 404 13.83 -13.88 -14.69
C GLU B 404 14.05 -14.12 -16.17
N ALA B 405 14.51 -13.08 -16.89
CA ALA B 405 14.72 -13.18 -18.33
C ALA B 405 16.22 -13.25 -18.66
N VAL B 406 16.55 -14.01 -19.70
CA VAL B 406 17.86 -13.95 -20.34
C VAL B 406 17.66 -13.52 -21.79
N ILE B 407 18.18 -12.34 -22.15
CA ILE B 407 17.97 -11.78 -23.49
C ILE B 407 19.29 -11.67 -24.23
N LYS B 408 19.36 -12.26 -25.43
CA LYS B 408 20.51 -12.18 -26.30
C LYS B 408 20.24 -11.13 -27.38
N LEU B 409 21.08 -10.08 -27.40
CA LEU B 409 21.06 -9.08 -28.45
C LEU B 409 22.35 -9.20 -29.27
N VAL B 410 22.26 -8.86 -30.56
CA VAL B 410 23.41 -8.85 -31.45
C VAL B 410 23.44 -7.51 -32.17
N ARG B 411 24.57 -7.24 -32.82
CA ARG B 411 24.76 -5.96 -33.46
C ARG B 411 24.15 -5.99 -34.86
N ARG B 412 23.65 -4.83 -35.32
CA ARG B 412 23.02 -4.70 -36.62
C ARG B 412 24.10 -4.46 -37.67
NA NA C . -7.38 14.53 18.95
S SO4 D . 7.33 -2.34 2.36
O1 SO4 D . 7.11 -3.66 2.91
O2 SO4 D . 7.06 -2.36 0.93
O3 SO4 D . 6.39 -1.44 2.99
O4 SO4 D . 8.69 -1.94 2.63
S SO4 E . -6.63 0.30 5.03
O1 SO4 E . -7.62 -0.73 4.89
O2 SO4 E . -5.30 -0.23 4.93
O3 SO4 E . -6.79 0.91 6.32
O4 SO4 E . -6.79 1.31 4.00
C1 EDO F . -15.99 23.47 -16.97
O1 EDO F . -16.78 24.52 -16.44
C2 EDO F . -16.41 22.10 -16.50
O2 EDO F . -15.58 20.99 -16.90
C1 EDO G . -0.31 -3.48 9.49
O1 EDO G . -1.31 -4.44 9.26
C2 EDO G . 0.86 -4.04 10.19
O2 EDO G . 1.79 -3.04 10.55
C1 EDO H . -37.20 18.67 -17.51
O1 EDO H . -37.80 19.52 -16.55
C2 EDO H . -36.80 17.33 -16.97
O2 EDO H . -37.24 16.18 -17.73
C1 PEG I . -2.54 1.82 15.58
O1 PEG I . -2.12 1.30 14.34
C2 PEG I . -1.40 2.27 16.44
O2 PEG I . -0.82 3.45 15.87
C3 PEG I . -0.12 4.25 16.81
C4 PEG I . -0.02 5.66 16.30
O4 PEG I . 1.23 6.27 16.54
C1 PEG J . 16.09 24.84 8.69
O1 PEG J . 16.21 24.24 7.41
C2 PEG J . 15.50 26.23 8.66
O2 PEG J . 14.73 26.49 9.84
C3 PEG J . 15.16 25.81 11.02
C4 PEG J . 14.48 26.37 12.26
O4 PEG J . 14.77 25.61 13.47
C1 PEG K . 0.40 21.35 17.26
O1 PEG K . 0.90 22.68 17.46
C2 PEG K . -0.88 21.07 18.03
O2 PEG K . -1.88 22.06 17.77
C3 PEG K . -2.73 22.33 18.89
C4 PEG K . -2.27 23.55 19.63
O4 PEG K . -3.16 23.91 20.67
NA NA L . 9.50 -22.14 3.88
C1 PEG M . 5.22 -30.23 0.10
O1 PEG M . 5.03 -31.63 -0.07
C2 PEG M . 3.94 -29.44 -0.16
O2 PEG M . 3.85 -28.29 0.69
C3 PEG M . 2.52 -27.95 1.04
C4 PEG M . 1.82 -27.52 -0.22
O4 PEG M . 0.90 -26.45 -0.04
C1 PEG N . 6.10 -8.42 -10.20
O1 PEG N . 7.51 -8.16 -10.19
C2 PEG N . 5.44 -8.38 -8.83
O2 PEG N . 5.95 -7.29 -8.06
C3 PEG N . 5.17 -6.99 -6.90
C4 PEG N . 6.07 -6.47 -5.76
O4 PEG N . 6.53 -5.12 -5.95
#